data_3W0T
#
_entry.id   3W0T
#
_cell.length_a   66.570
_cell.length_b   81.030
_cell.length_c   68.620
_cell.angle_alpha   90.000
_cell.angle_beta   90.130
_cell.angle_gamma   90.000
#
_symmetry.space_group_name_H-M   'P 1 21 1'
#
loop_
_entity.id
_entity.type
_entity.pdbx_description
1 polymer 'Lactoylglutathione lyase'
2 non-polymer 'ZINC ION'
3 non-polymer N-[3-(1-hydroxy-6-oxo-4-phenyl-1,6-dihydropyridin-2-yl)phenyl]methanesulfonamide
4 non-polymer '4-(2-HYDROXYETHYL)-1-PIPERAZINE ETHANESULFONIC ACID'
5 water water
#
_entity_poly.entity_id   1
_entity_poly.type   'polypeptide(L)'
_entity_poly.pdbx_seq_one_letter_code
;GSHMAEPQPPSGGLTDEAALSCCSDADPSTKDFLLQQTMLRVKDPKKSLDFYTRVLGMTLIQKCDFPIMKFSLYFLAYED
KNDIPKEKDEKIAWALSRKATLELTHNWGTEDDETQSYHNGNSDPRGFGHIGIAVPDVYSACKRFEELGVKFVKKPDDGK
MKGLAFIQDPDGYWIEILNPNKMATLM
;
_entity_poly.pdbx_strand_id   A,B,C,D
#
# COMPACT_ATOMS: atom_id res chain seq x y z
N GLY A 12 36.83 -15.41 -15.25
CA GLY A 12 36.68 -16.70 -14.57
C GLY A 12 35.94 -16.57 -13.26
N GLY A 13 35.79 -17.68 -12.57
CA GLY A 13 35.08 -17.66 -11.30
C GLY A 13 36.01 -17.46 -10.13
N LEU A 14 35.47 -17.43 -8.93
CA LEU A 14 36.33 -17.33 -7.74
C LEU A 14 36.94 -18.68 -7.45
N THR A 15 38.17 -18.70 -6.88
CA THR A 15 38.74 -19.96 -6.40
C THR A 15 38.06 -20.27 -5.07
N ASP A 16 38.19 -21.50 -4.58
CA ASP A 16 37.58 -21.85 -3.30
C ASP A 16 38.14 -20.95 -2.18
N GLU A 17 39.46 -20.68 -2.21
CA GLU A 17 40.09 -19.82 -1.22
C GLU A 17 39.63 -18.39 -1.31
N ALA A 18 39.46 -17.85 -2.53
CA ALA A 18 39.03 -16.46 -2.68
C ALA A 18 37.61 -16.26 -2.12
N ALA A 19 36.73 -17.27 -2.35
CA ALA A 19 35.36 -17.24 -1.85
C ALA A 19 35.39 -17.32 -0.31
N LEU A 20 36.19 -18.26 0.27
CA LEU A 20 36.26 -18.41 1.72
CA LEU A 20 36.24 -18.40 1.72
C LEU A 20 36.74 -17.11 2.38
N SER A 21 37.66 -16.38 1.73
CA SER A 21 38.17 -15.12 2.27
C SER A 21 37.12 -14.03 2.36
N CYS A 22 36.03 -14.17 1.59
CA CYS A 22 34.93 -13.21 1.61
C CYS A 22 33.90 -13.52 2.68
N CYS A 23 34.00 -14.69 3.29
CA CYS A 23 33.07 -15.16 4.33
C CYS A 23 33.53 -14.79 5.70
N SER A 24 32.60 -14.44 6.56
CA SER A 24 32.83 -14.18 7.98
C SER A 24 32.08 -15.16 8.84
N ASP A 25 32.59 -15.38 10.04
CA ASP A 25 31.94 -16.19 11.06
C ASP A 25 30.68 -15.48 11.50
N ALA A 26 29.70 -16.27 11.98
CA ALA A 26 28.41 -15.72 12.38
C ALA A 26 28.49 -14.92 13.67
N ASP A 27 28.06 -13.68 13.62
CA ASP A 27 28.02 -12.82 14.80
C ASP A 27 27.05 -13.45 15.81
N PRO A 28 27.35 -13.48 17.13
CA PRO A 28 26.45 -14.16 18.09
C PRO A 28 25.02 -13.62 18.11
N SER A 29 24.83 -12.34 17.73
CA SER A 29 23.50 -11.73 17.68
C SER A 29 22.62 -12.36 16.59
N THR A 30 23.23 -13.11 15.65
CA THR A 30 22.44 -13.77 14.58
C THR A 30 22.23 -15.28 14.83
N LYS A 31 22.69 -15.82 15.96
CA LYS A 31 22.68 -17.27 16.21
C LYS A 31 21.35 -18.02 16.10
N ASP A 32 20.21 -17.30 16.29
CA ASP A 32 18.87 -17.90 16.22
C ASP A 32 18.08 -17.48 14.97
N PHE A 33 18.73 -16.72 14.07
CA PHE A 33 18.07 -16.31 12.84
C PHE A 33 17.77 -17.56 12.01
N LEU A 34 16.64 -17.50 11.30
CA LEU A 34 16.31 -18.61 10.41
C LEU A 34 15.71 -18.10 9.09
N LEU A 35 15.94 -18.84 8.01
CA LEU A 35 15.41 -18.49 6.71
C LEU A 35 13.96 -19.02 6.67
N GLN A 36 13.03 -18.08 6.81
CA GLN A 36 11.64 -18.39 7.07
C GLN A 36 10.76 -18.49 5.86
N GLN A 37 10.98 -17.62 4.87
CA GLN A 37 10.05 -17.57 3.75
C GLN A 37 10.71 -17.11 2.46
N THR A 38 10.10 -17.53 1.35
CA THR A 38 10.38 -17.03 0.01
C THR A 38 9.01 -16.54 -0.49
N MET A 39 8.94 -15.27 -0.96
CA MET A 39 7.66 -14.71 -1.42
C MET A 39 7.59 -14.65 -2.95
N LEU A 40 6.46 -15.14 -3.52
CA LEU A 40 6.20 -15.06 -4.94
C LEU A 40 4.80 -14.47 -5.09
N ARG A 41 4.62 -13.57 -6.06
CA ARG A 41 3.28 -13.05 -6.30
C ARG A 41 2.54 -14.00 -7.23
N VAL A 42 1.25 -14.25 -6.92
CA VAL A 42 0.43 -15.17 -7.69
C VAL A 42 -0.80 -14.47 -8.28
N LYS A 43 -1.06 -14.70 -9.55
CA LYS A 43 -2.19 -14.05 -10.23
C LYS A 43 -3.54 -14.56 -9.67
N ASP A 44 -3.66 -15.87 -9.47
CA ASP A 44 -4.92 -16.47 -9.01
C ASP A 44 -4.62 -17.47 -7.92
N PRO A 45 -5.06 -17.16 -6.71
CA PRO A 45 -4.72 -18.06 -5.59
C PRO A 45 -5.43 -19.41 -5.67
N LYS A 46 -6.60 -19.47 -6.33
CA LYS A 46 -7.29 -20.74 -6.45
C LYS A 46 -6.42 -21.77 -7.19
N LYS A 47 -5.81 -21.35 -8.31
CA LYS A 47 -4.96 -22.22 -9.12
C LYS A 47 -3.68 -22.57 -8.35
N SER A 48 -3.08 -21.55 -7.71
CA SER A 48 -1.81 -21.74 -7.00
C SER A 48 -2.00 -22.67 -5.80
N LEU A 49 -3.10 -22.48 -5.02
CA LEU A 49 -3.31 -23.35 -3.85
C LEU A 49 -3.49 -24.81 -4.31
N ASP A 50 -4.26 -25.03 -5.39
CA ASP A 50 -4.42 -26.38 -5.89
C ASP A 50 -3.07 -26.99 -6.29
N PHE A 51 -2.24 -26.21 -7.01
CA PHE A 51 -0.95 -26.75 -7.44
C PHE A 51 -0.05 -27.11 -6.26
N TYR A 52 0.17 -26.14 -5.36
CA TYR A 52 1.09 -26.39 -4.24
C TYR A 52 0.65 -27.46 -3.28
N THR A 53 -0.67 -27.64 -3.10
CA THR A 53 -1.17 -28.67 -2.17
C THR A 53 -1.36 -30.02 -2.87
N ARG A 54 -2.17 -30.06 -3.92
CA ARG A 54 -2.45 -31.31 -4.59
C ARG A 54 -1.29 -31.86 -5.36
N VAL A 55 -0.61 -31.01 -6.15
CA VAL A 55 0.49 -31.52 -6.94
C VAL A 55 1.77 -31.70 -6.09
N LEU A 56 2.19 -30.63 -5.37
CA LEU A 56 3.46 -30.69 -4.63
C LEU A 56 3.41 -31.22 -3.21
N GLY A 57 2.22 -31.34 -2.65
CA GLY A 57 2.13 -31.90 -1.31
C GLY A 57 2.41 -30.97 -0.15
N MET A 58 2.41 -29.66 -0.41
CA MET A 58 2.56 -28.71 0.66
C MET A 58 1.22 -28.51 1.38
N THR A 59 1.26 -27.86 2.53
CA THR A 59 0.07 -27.59 3.35
C THR A 59 -0.09 -26.07 3.50
N LEU A 60 -1.32 -25.59 3.37
CA LEU A 60 -1.62 -24.20 3.64
C LEU A 60 -1.64 -24.08 5.17
N ILE A 61 -0.60 -23.43 5.70
CA ILE A 61 -0.46 -23.32 7.18
C ILE A 61 -0.99 -22.01 7.74
N GLN A 62 -1.17 -20.98 6.91
CA GLN A 62 -1.69 -19.69 7.38
C GLN A 62 -2.14 -18.88 6.21
N LYS A 63 -3.22 -18.16 6.38
CA LYS A 63 -3.79 -17.23 5.42
C LYS A 63 -4.02 -15.93 6.17
N CYS A 64 -3.55 -14.82 5.60
CA CYS A 64 -3.64 -13.49 6.23
C CYS A 64 -4.22 -12.52 5.25
N ASP A 65 -5.36 -11.89 5.60
CA ASP A 65 -5.99 -10.94 4.70
C ASP A 65 -5.74 -9.53 5.20
N PHE A 66 -5.43 -8.62 4.28
CA PHE A 66 -5.14 -7.23 4.66
C PHE A 66 -6.08 -6.33 3.86
N PRO A 67 -7.37 -6.24 4.28
CA PRO A 67 -8.34 -5.45 3.49
C PRO A 67 -7.94 -4.00 3.25
N ILE A 68 -7.35 -3.34 4.25
CA ILE A 68 -6.89 -1.94 4.14
C ILE A 68 -5.88 -1.79 2.98
N MET A 69 -5.06 -2.82 2.74
CA MET A 69 -4.04 -2.82 1.69
C MET A 69 -4.36 -3.66 0.43
N LYS A 70 -5.57 -4.28 0.39
CA LYS A 70 -6.06 -5.05 -0.75
C LYS A 70 -5.17 -6.22 -1.22
N PHE A 71 -4.69 -7.01 -0.25
CA PHE A 71 -3.95 -8.22 -0.58
C PHE A 71 -4.17 -9.29 0.46
N SER A 72 -3.84 -10.53 0.06
CA SER A 72 -3.86 -11.66 0.96
C SER A 72 -2.52 -12.36 0.83
N LEU A 73 -2.08 -12.95 1.92
CA LEU A 73 -0.87 -13.78 1.97
C LEU A 73 -1.26 -15.21 2.27
N TYR A 74 -0.69 -16.17 1.50
CA TYR A 74 -0.90 -17.59 1.73
C TYR A 74 0.46 -18.21 2.07
N PHE A 75 0.57 -18.86 3.23
CA PHE A 75 1.82 -19.48 3.65
C PHE A 75 1.70 -21.00 3.47
N LEU A 76 2.54 -21.53 2.59
CA LEU A 76 2.57 -22.95 2.24
C LEU A 76 3.84 -23.55 2.83
N ALA A 77 3.75 -24.78 3.37
CA ALA A 77 4.96 -25.41 3.93
C ALA A 77 4.82 -26.90 3.93
N TYR A 78 5.96 -27.60 4.02
CA TYR A 78 5.91 -29.04 4.21
C TYR A 78 5.83 -29.27 5.73
N GLU A 79 4.62 -29.20 6.22
CA GLU A 79 4.26 -29.40 7.63
C GLU A 79 3.04 -30.31 7.70
N ASP A 80 2.87 -30.97 8.84
CA ASP A 80 1.70 -31.81 9.06
C ASP A 80 0.54 -30.88 9.40
N LYS A 81 -0.59 -31.01 8.66
CA LYS A 81 -1.77 -30.21 8.88
C LYS A 81 -2.27 -30.28 10.34
N ASN A 82 -2.03 -31.42 11.02
CA ASN A 82 -2.44 -31.60 12.40
C ASN A 82 -1.58 -30.80 13.42
N ASP A 83 -0.47 -30.18 12.97
CA ASP A 83 0.38 -29.37 13.84
C ASP A 83 -0.08 -27.91 13.80
N ILE A 84 -1.01 -27.57 12.90
CA ILE A 84 -1.49 -26.19 12.80
C ILE A 84 -2.31 -25.88 14.07
N PRO A 85 -1.96 -24.84 14.85
CA PRO A 85 -2.76 -24.52 16.06
C PRO A 85 -4.20 -24.14 15.76
N LYS A 86 -5.08 -24.30 16.75
CA LYS A 86 -6.49 -23.94 16.61
C LYS A 86 -6.71 -22.42 16.76
N GLU A 87 -6.09 -21.79 17.77
CA GLU A 87 -6.26 -20.36 18.07
C GLU A 87 -5.51 -19.43 17.11
N LYS A 88 -6.17 -18.31 16.69
CA LYS A 88 -5.72 -17.27 15.75
C LYS A 88 -4.30 -16.73 15.91
N ASP A 89 -4.00 -16.11 17.07
CA ASP A 89 -2.70 -15.51 17.38
C ASP A 89 -1.60 -16.56 17.50
N GLU A 90 -1.97 -17.72 18.13
CA GLU A 90 -1.08 -18.88 18.27
C GLU A 90 -0.75 -19.41 16.87
N LYS A 91 -1.73 -19.35 15.94
CA LYS A 91 -1.52 -19.80 14.56
C LYS A 91 -0.42 -19.00 13.87
N ILE A 92 -0.50 -17.67 13.92
CA ILE A 92 0.48 -16.79 13.24
C ILE A 92 1.87 -17.00 13.80
N ALA A 93 2.04 -17.03 15.13
CA ALA A 93 3.34 -17.24 15.75
C ALA A 93 3.99 -18.55 15.33
N TRP A 94 3.17 -19.63 15.20
CA TRP A 94 3.68 -20.95 14.80
C TRP A 94 4.03 -20.93 13.30
N ALA A 95 3.10 -20.44 12.47
CA ALA A 95 3.31 -20.48 11.02
C ALA A 95 4.51 -19.62 10.60
N LEU A 96 4.64 -18.42 11.19
CA LEU A 96 5.70 -17.51 10.83
C LEU A 96 7.05 -17.85 11.48
N SER A 97 7.09 -18.94 12.29
CA SER A 97 8.32 -19.45 12.85
C SER A 97 8.73 -20.78 12.20
N ARG A 98 7.97 -21.23 11.16
CA ARG A 98 8.39 -22.46 10.46
C ARG A 98 9.48 -22.07 9.49
N LYS A 99 10.50 -22.92 9.33
CA LYS A 99 11.56 -22.71 8.36
C LYS A 99 11.01 -23.08 6.97
N ALA A 100 11.58 -22.50 5.93
CA ALA A 100 11.30 -22.96 4.58
C ALA A 100 9.84 -22.88 4.14
N THR A 101 9.22 -21.73 4.39
CA THR A 101 7.83 -21.60 3.91
C THR A 101 7.83 -20.86 2.57
N LEU A 102 6.72 -21.01 1.86
CA LEU A 102 6.54 -20.30 0.61
C LEU A 102 5.36 -19.36 0.83
N GLU A 103 5.60 -18.07 0.65
CA GLU A 103 4.60 -17.05 0.83
C GLU A 103 4.06 -16.65 -0.55
N LEU A 104 2.79 -16.89 -0.79
CA LEU A 104 2.14 -16.52 -2.04
C LEU A 104 1.32 -15.25 -1.82
N THR A 105 1.67 -14.19 -2.53
CA THR A 105 0.99 -12.91 -2.40
C THR A 105 -0.06 -12.75 -3.49
N HIS A 106 -1.32 -12.56 -3.07
CA HIS A 106 -2.40 -12.30 -3.99
C HIS A 106 -2.79 -10.81 -3.83
N ASN A 107 -2.46 -10.00 -4.85
CA ASN A 107 -2.90 -8.60 -4.92
C ASN A 107 -4.30 -8.70 -5.54
N TRP A 108 -5.32 -8.34 -4.76
CA TRP A 108 -6.70 -8.52 -5.19
C TRP A 108 -6.98 -7.91 -6.55
N GLY A 109 -7.70 -8.68 -7.37
CA GLY A 109 -8.11 -8.25 -8.71
C GLY A 109 -7.23 -8.70 -9.87
N THR A 110 -5.99 -9.21 -9.60
CA THR A 110 -5.14 -9.67 -10.71
C THR A 110 -5.79 -10.80 -11.53
N GLU A 111 -6.59 -11.67 -10.87
CA GLU A 111 -7.26 -12.83 -11.49
C GLU A 111 -8.31 -12.40 -12.52
N ASP A 112 -8.77 -11.15 -12.43
CA ASP A 112 -9.78 -10.60 -13.34
C ASP A 112 -9.20 -9.68 -14.43
N ASP A 113 -7.87 -9.47 -14.42
CA ASP A 113 -7.20 -8.62 -15.40
C ASP A 113 -6.54 -9.55 -16.44
N GLU A 114 -7.22 -9.76 -17.60
CA GLU A 114 -6.73 -10.68 -18.65
C GLU A 114 -5.36 -10.38 -19.28
N THR A 115 -4.87 -9.15 -19.16
CA THR A 115 -3.58 -8.77 -19.71
C THR A 115 -2.44 -8.91 -18.69
N GLN A 116 -2.79 -8.99 -17.39
CA GLN A 116 -1.84 -9.11 -16.28
C GLN A 116 -1.23 -10.49 -16.17
N SER A 117 0.07 -10.53 -15.86
CA SER A 117 0.82 -11.75 -15.55
C SER A 117 2.09 -11.37 -14.82
N TYR A 118 2.59 -12.27 -13.97
CA TYR A 118 3.82 -11.99 -13.26
C TYR A 118 4.98 -12.55 -14.05
N HIS A 119 6.19 -12.07 -13.74
CA HIS A 119 7.40 -12.45 -14.47
C HIS A 119 8.18 -13.46 -13.63
N ASN A 120 8.63 -14.57 -14.26
CA ASN A 120 9.32 -15.65 -13.52
C ASN A 120 10.80 -15.45 -13.28
N GLY A 121 11.38 -14.36 -13.77
CA GLY A 121 12.79 -14.07 -13.54
C GLY A 121 13.77 -14.79 -14.46
N ASN A 122 13.30 -15.68 -15.36
CA ASN A 122 14.13 -16.49 -16.25
C ASN A 122 14.27 -15.99 -17.68
N SER A 123 13.74 -14.79 -17.95
CA SER A 123 13.92 -14.09 -19.21
C SER A 123 14.17 -12.61 -18.84
N ASP A 124 14.62 -11.79 -19.79
CA ASP A 124 14.93 -10.39 -19.50
C ASP A 124 13.73 -9.64 -18.90
N PRO A 125 13.86 -8.96 -17.75
CA PRO A 125 15.04 -8.84 -16.89
C PRO A 125 15.12 -10.01 -15.87
N ARG A 126 16.27 -10.65 -15.81
CA ARG A 126 16.49 -11.80 -14.92
C ARG A 126 16.86 -11.37 -13.49
N GLY A 127 16.58 -12.26 -12.53
CA GLY A 127 16.95 -12.06 -11.14
C GLY A 127 16.73 -13.35 -10.40
N PHE A 128 15.58 -13.46 -9.73
CA PHE A 128 15.17 -14.72 -9.11
C PHE A 128 15.13 -15.79 -10.20
N GLY A 129 15.46 -17.03 -9.85
CA GLY A 129 15.42 -18.10 -10.83
C GLY A 129 14.39 -19.17 -10.52
N HIS A 130 14.44 -19.74 -9.32
CA HIS A 130 13.55 -20.83 -8.98
C HIS A 130 13.53 -21.11 -7.51
N ILE A 131 12.55 -21.92 -7.09
CA ILE A 131 12.61 -22.60 -5.82
C ILE A 131 12.94 -24.06 -6.19
N GLY A 132 13.41 -24.83 -5.21
CA GLY A 132 13.75 -26.23 -5.46
C GLY A 132 13.27 -27.14 -4.35
N ILE A 133 12.74 -28.30 -4.75
CA ILE A 133 12.23 -29.31 -3.85
C ILE A 133 13.14 -30.53 -3.94
N ALA A 134 13.62 -30.97 -2.77
CA ALA A 134 14.42 -32.18 -2.67
C ALA A 134 13.45 -33.35 -2.47
N VAL A 135 13.64 -34.38 -3.29
CA VAL A 135 12.76 -35.55 -3.31
C VAL A 135 13.58 -36.84 -3.24
N PRO A 136 12.98 -37.96 -2.78
CA PRO A 136 13.77 -39.21 -2.73
C PRO A 136 13.98 -39.88 -4.09
N ASP A 137 13.13 -39.57 -5.08
CA ASP A 137 13.25 -40.20 -6.39
C ASP A 137 12.70 -39.23 -7.43
N VAL A 138 13.60 -38.61 -8.20
CA VAL A 138 13.19 -37.62 -9.20
C VAL A 138 12.33 -38.24 -10.27
N TYR A 139 12.68 -39.48 -10.67
CA TYR A 139 11.93 -40.12 -11.75
C TYR A 139 10.50 -40.48 -11.39
N SER A 140 10.27 -41.01 -10.17
CA SER A 140 8.91 -41.37 -9.81
C SER A 140 8.11 -40.12 -9.52
N ALA A 141 8.77 -39.08 -8.94
CA ALA A 141 8.03 -37.84 -8.71
C ALA A 141 7.57 -37.23 -10.04
N CYS A 142 8.48 -37.21 -11.04
CA CYS A 142 8.16 -36.64 -12.34
C CYS A 142 7.18 -37.50 -13.14
N LYS A 143 7.18 -38.84 -12.93
CA LYS A 143 6.17 -39.68 -13.59
C LYS A 143 4.78 -39.27 -13.08
N ARG A 144 4.66 -39.02 -11.75
CA ARG A 144 3.39 -38.57 -11.19
C ARG A 144 3.04 -37.17 -11.71
N PHE A 145 4.01 -36.25 -11.78
CA PHE A 145 3.71 -34.91 -12.31
C PHE A 145 3.19 -34.98 -13.74
N GLU A 146 3.79 -35.85 -14.59
CA GLU A 146 3.33 -36.03 -15.98
C GLU A 146 1.87 -36.47 -16.01
N GLU A 147 1.53 -37.48 -15.19
CA GLU A 147 0.15 -38.00 -15.06
C GLU A 147 -0.81 -36.91 -14.66
N LEU A 148 -0.32 -35.95 -13.85
CA LEU A 148 -1.15 -34.83 -13.42
C LEU A 148 -1.21 -33.65 -14.39
N GLY A 149 -0.52 -33.76 -15.52
CA GLY A 149 -0.52 -32.70 -16.53
C GLY A 149 0.34 -31.49 -16.23
N VAL A 150 1.33 -31.65 -15.33
CA VAL A 150 2.23 -30.56 -14.98
C VAL A 150 3.09 -30.15 -16.18
N LYS A 151 3.34 -28.85 -16.31
CA LYS A 151 4.19 -28.33 -17.38
C LYS A 151 5.68 -28.45 -16.97
N PHE A 152 6.50 -28.98 -17.89
CA PHE A 152 7.91 -29.13 -17.62
C PHE A 152 8.75 -28.17 -18.41
N VAL A 153 9.72 -27.54 -17.74
CA VAL A 153 10.78 -26.77 -18.39
C VAL A 153 11.91 -27.74 -18.79
N LYS A 154 12.19 -28.77 -17.95
CA LYS A 154 13.22 -29.75 -18.20
C LYS A 154 12.79 -31.05 -17.60
N LYS A 155 12.67 -32.09 -18.44
CA LYS A 155 12.38 -33.42 -17.93
C LYS A 155 13.67 -34.03 -17.34
N PRO A 156 13.58 -35.00 -16.41
CA PRO A 156 14.80 -35.52 -15.74
C PRO A 156 15.95 -35.87 -16.67
N ASP A 157 15.67 -36.51 -17.81
CA ASP A 157 16.75 -36.92 -18.71
C ASP A 157 16.91 -36.06 -19.93
N ASP A 158 16.35 -34.85 -19.91
CA ASP A 158 16.57 -33.92 -21.00
C ASP A 158 17.87 -33.15 -20.79
N GLY A 159 18.63 -32.97 -21.85
CA GLY A 159 19.84 -32.17 -21.72
C GLY A 159 20.99 -32.85 -21.00
N LYS A 160 21.94 -32.04 -20.55
CA LYS A 160 23.18 -32.55 -19.99
C LYS A 160 23.04 -33.26 -18.64
N MET A 161 22.33 -32.63 -17.71
CA MET A 161 22.24 -33.13 -16.34
C MET A 161 21.10 -34.10 -16.14
N LYS A 162 21.43 -35.40 -16.11
CA LYS A 162 20.44 -36.44 -15.95
C LYS A 162 19.98 -36.57 -14.52
N GLY A 163 18.68 -36.82 -14.35
CA GLY A 163 18.13 -37.00 -13.01
C GLY A 163 17.79 -35.72 -12.25
N LEU A 164 17.60 -34.61 -12.97
CA LEU A 164 17.30 -33.28 -12.42
C LEU A 164 16.23 -32.67 -13.29
N ALA A 165 15.14 -32.15 -12.69
CA ALA A 165 14.05 -31.61 -13.50
C ALA A 165 13.64 -30.21 -13.09
N PHE A 166 12.93 -29.50 -13.99
CA PHE A 166 12.33 -28.21 -13.69
C PHE A 166 10.90 -28.28 -14.15
N ILE A 167 9.97 -28.01 -13.23
CA ILE A 167 8.55 -27.93 -13.57
C ILE A 167 8.15 -26.48 -13.38
N GLN A 168 6.91 -26.15 -13.75
CA GLN A 168 6.40 -24.81 -13.53
C GLN A 168 5.12 -24.84 -12.76
N ASP A 169 4.90 -23.80 -11.94
CA ASP A 169 3.64 -23.62 -11.25
C ASP A 169 2.67 -22.83 -12.17
N PRO A 170 1.45 -22.54 -11.71
CA PRO A 170 0.47 -21.86 -12.59
C PRO A 170 0.87 -20.47 -13.08
N ASP A 171 1.72 -19.73 -12.34
CA ASP A 171 2.21 -18.45 -12.78
C ASP A 171 3.45 -18.58 -13.68
N GLY A 172 3.96 -19.81 -13.84
CA GLY A 172 5.14 -20.03 -14.67
C GLY A 172 6.43 -19.99 -13.89
N TYR A 173 6.37 -19.87 -12.53
CA TYR A 173 7.62 -19.90 -11.77
C TYR A 173 8.23 -21.29 -11.90
N TRP A 174 9.55 -21.33 -12.03
CA TRP A 174 10.27 -22.60 -12.16
C TRP A 174 10.52 -23.21 -10.79
N ILE A 175 10.34 -24.53 -10.75
CA ILE A 175 10.54 -25.34 -9.54
C ILE A 175 11.48 -26.48 -9.90
N GLU A 176 12.67 -26.46 -9.28
CA GLU A 176 13.60 -27.55 -9.50
C GLU A 176 13.19 -28.77 -8.69
N ILE A 177 13.40 -29.97 -9.26
CA ILE A 177 13.09 -31.24 -8.61
C ILE A 177 14.41 -31.98 -8.59
N LEU A 178 14.98 -32.17 -7.40
CA LEU A 178 16.31 -32.74 -7.27
C LEU A 178 16.36 -33.80 -6.21
N ASN A 179 17.28 -34.74 -6.39
CA ASN A 179 17.55 -35.77 -5.37
C ASN A 179 18.97 -35.46 -4.87
N PRO A 180 19.10 -35.00 -3.60
CA PRO A 180 20.44 -34.65 -3.08
C PRO A 180 21.52 -35.74 -3.18
N ASN A 181 21.10 -36.99 -3.25
CA ASN A 181 22.05 -38.13 -3.30
C ASN A 181 22.54 -38.43 -4.70
N LYS A 182 21.95 -37.78 -5.73
CA LYS A 182 22.30 -38.00 -7.14
C LYS A 182 22.91 -36.76 -7.81
N MET A 183 23.29 -35.77 -7.00
CA MET A 183 23.84 -34.52 -7.50
C MET A 183 25.36 -34.53 -7.68
N ALA A 184 26.12 -35.20 -6.77
CA ALA A 184 27.58 -35.24 -6.83
C ALA A 184 28.13 -35.76 -8.16
N THR A 185 27.44 -36.74 -8.76
CA THR A 185 27.81 -37.31 -10.06
C THR A 185 27.78 -36.29 -11.22
N LEU A 186 26.98 -35.19 -11.08
CA LEU A 186 26.86 -34.14 -12.10
C LEU A 186 28.07 -33.20 -12.15
N MET A 187 29.00 -33.36 -11.20
CA MET A 187 30.25 -32.58 -11.11
C MET A 187 31.39 -33.35 -11.79
N GLU B 6 -19.70 2.17 11.68
CA GLU B 6 -19.02 2.70 10.51
C GLU B 6 -18.94 1.66 9.38
N PRO B 7 -19.06 2.06 8.09
CA PRO B 7 -18.93 1.06 7.01
C PRO B 7 -17.52 0.47 7.03
N GLN B 8 -17.39 -0.80 6.64
CA GLN B 8 -16.10 -1.50 6.67
C GLN B 8 -15.38 -1.50 5.33
N PRO B 9 -14.02 -1.56 5.26
CA PRO B 9 -13.36 -1.62 3.95
C PRO B 9 -13.79 -2.85 3.14
N PRO B 10 -13.86 -2.75 1.79
CA PRO B 10 -14.29 -3.90 0.96
C PRO B 10 -13.50 -5.19 1.21
N SER B 11 -14.18 -6.36 1.06
CA SER B 11 -13.57 -7.69 1.26
C SER B 11 -13.40 -8.51 -0.04
N GLY B 12 -12.30 -8.28 -0.74
CA GLY B 12 -11.93 -8.97 -1.96
C GLY B 12 -11.16 -10.24 -1.69
N GLY B 13 -10.58 -10.81 -2.73
CA GLY B 13 -9.84 -12.05 -2.61
C GLY B 13 -10.68 -13.22 -2.14
N LEU B 14 -10.05 -14.22 -1.52
CA LEU B 14 -10.78 -15.41 -1.09
C LEU B 14 -11.10 -15.38 0.38
N THR B 15 -12.21 -16.03 0.78
CA THR B 15 -12.51 -16.23 2.20
C THR B 15 -11.61 -17.39 2.64
N ASP B 16 -11.45 -17.59 3.96
CA ASP B 16 -10.63 -18.70 4.48
C ASP B 16 -11.20 -20.04 4.00
N GLU B 17 -12.54 -20.18 4.01
CA GLU B 17 -13.20 -21.41 3.60
C GLU B 17 -13.03 -21.67 2.07
N ALA B 18 -13.07 -20.60 1.25
CA ALA B 18 -12.90 -20.75 -0.21
C ALA B 18 -11.45 -21.16 -0.52
N ALA B 19 -10.51 -20.60 0.23
CA ALA B 19 -9.12 -20.98 0.04
C ALA B 19 -8.95 -22.47 0.40
N LEU B 20 -9.54 -22.93 1.51
CA LEU B 20 -9.43 -24.33 1.90
C LEU B 20 -10.14 -25.24 0.89
N SER B 21 -11.18 -24.73 0.18
CA SER B 21 -11.86 -25.53 -0.86
C SER B 21 -10.95 -25.85 -2.02
N CYS B 22 -9.84 -25.08 -2.16
CA CYS B 22 -8.85 -25.32 -3.22
C CYS B 22 -7.68 -26.16 -2.75
N CYS B 23 -7.66 -26.56 -1.46
CA CYS B 23 -6.53 -27.29 -0.91
C CYS B 23 -6.84 -28.75 -0.82
N SER B 24 -5.90 -29.59 -1.24
CA SER B 24 -6.03 -31.04 -1.13
C SER B 24 -4.98 -31.56 -0.13
N ASP B 25 -5.31 -32.64 0.58
CA ASP B 25 -4.38 -33.29 1.51
C ASP B 25 -3.15 -33.73 0.75
N ALA B 26 -2.00 -33.68 1.43
CA ALA B 26 -0.74 -34.05 0.82
C ALA B 26 -0.76 -35.53 0.42
N ASP B 27 -0.49 -35.82 -0.86
CA ASP B 27 -0.43 -37.19 -1.38
C ASP B 27 0.72 -37.93 -0.66
N PRO B 28 0.49 -39.16 -0.17
CA PRO B 28 1.54 -39.88 0.56
C PRO B 28 2.88 -40.06 -0.19
N SER B 29 2.88 -40.02 -1.54
CA SER B 29 4.14 -40.16 -2.27
C SER B 29 5.05 -38.92 -2.10
N THR B 30 4.46 -37.81 -1.60
CA THR B 30 5.23 -36.59 -1.39
C THR B 30 5.69 -36.43 0.07
N LYS B 31 5.48 -37.45 0.95
CA LYS B 31 5.75 -37.39 2.40
C LYS B 31 7.15 -36.93 2.85
N ASP B 32 8.17 -37.17 2.01
CA ASP B 32 9.55 -36.80 2.32
C ASP B 32 10.06 -35.58 1.55
N PHE B 33 9.18 -34.93 0.79
CA PHE B 33 9.58 -33.74 0.03
C PHE B 33 9.93 -32.61 0.97
N LEU B 34 10.90 -31.79 0.59
CA LEU B 34 11.24 -30.62 1.37
C LEU B 34 11.60 -29.47 0.48
N LEU B 35 11.35 -28.25 1.00
CA LEU B 35 11.61 -27.02 0.27
C LEU B 35 13.08 -26.68 0.58
N GLN B 36 13.93 -26.99 -0.39
CA GLN B 36 15.37 -27.01 -0.21
C GLN B 36 16.10 -25.72 -0.52
N GLN B 37 15.66 -25.01 -1.58
CA GLN B 37 16.42 -23.85 -2.04
C GLN B 37 15.56 -22.79 -2.70
N THR B 38 16.08 -21.57 -2.68
CA THR B 38 15.57 -20.42 -3.40
C THR B 38 16.79 -19.88 -4.15
N MET B 39 16.70 -19.75 -5.49
CA MET B 39 17.82 -19.32 -6.31
C MET B 39 17.70 -17.86 -6.69
N LEU B 40 18.80 -17.10 -6.50
CA LEU B 40 18.88 -15.69 -6.89
C LEU B 40 20.16 -15.51 -7.65
N ARG B 41 20.10 -14.76 -8.76
CA ARG B 41 21.34 -14.46 -9.48
C ARG B 41 22.04 -13.26 -8.81
N VAL B 42 23.38 -13.35 -8.65
CA VAL B 42 24.14 -12.30 -7.99
C VAL B 42 25.24 -11.77 -8.94
N LYS B 43 25.38 -10.44 -8.99
CA LYS B 43 26.35 -9.78 -9.85
C LYS B 43 27.81 -10.03 -9.37
N ASP B 44 28.07 -9.94 -8.05
CA ASP B 44 29.43 -10.09 -7.54
C ASP B 44 29.37 -10.99 -6.31
N PRO B 45 29.88 -12.22 -6.44
CA PRO B 45 29.77 -13.16 -5.33
C PRO B 45 30.60 -12.75 -4.12
N LYS B 46 31.67 -11.98 -4.33
CA LYS B 46 32.47 -11.50 -3.20
C LYS B 46 31.64 -10.60 -2.28
N LYS B 47 30.82 -9.69 -2.85
CA LYS B 47 29.99 -8.80 -2.07
C LYS B 47 28.84 -9.58 -1.44
N SER B 48 28.21 -10.47 -2.22
CA SER B 48 27.10 -11.28 -1.71
C SER B 48 27.54 -12.19 -0.58
N LEU B 49 28.71 -12.86 -0.70
CA LEU B 49 29.16 -13.74 0.38
C LEU B 49 29.44 -12.93 1.66
N ASP B 50 30.03 -11.74 1.51
CA ASP B 50 30.29 -10.89 2.68
C ASP B 50 28.97 -10.49 3.33
N PHE B 51 27.97 -10.12 2.53
CA PHE B 51 26.69 -9.74 3.10
C PHE B 51 26.00 -10.89 3.82
N TYR B 52 25.81 -12.01 3.15
CA TYR B 52 25.04 -13.09 3.76
C TYR B 52 25.71 -13.72 4.96
N THR B 53 27.07 -13.72 4.99
CA THR B 53 27.76 -14.32 6.13
C THR B 53 28.02 -13.32 7.24
N ARG B 54 28.62 -12.18 6.94
CA ARG B 54 28.93 -11.20 7.98
C ARG B 54 27.72 -10.46 8.49
N VAL B 55 26.83 -10.00 7.58
CA VAL B 55 25.67 -9.23 8.02
C VAL B 55 24.59 -10.15 8.54
N LEU B 56 24.24 -11.20 7.77
CA LEU B 56 23.13 -12.05 8.17
C LEU B 56 23.45 -13.28 8.98
N GLY B 57 24.73 -13.63 9.07
CA GLY B 57 25.12 -14.77 9.86
C GLY B 57 24.86 -16.13 9.24
N MET B 58 24.69 -16.16 7.90
CA MET B 58 24.56 -17.45 7.25
C MET B 58 25.95 -18.03 7.02
N THR B 59 25.98 -19.30 6.60
CA THR B 59 27.23 -20.01 6.34
C THR B 59 27.23 -20.48 4.88
N LEU B 60 28.39 -20.37 4.21
CA LEU B 60 28.59 -20.91 2.87
C LEU B 60 28.80 -22.41 3.05
N ILE B 61 27.78 -23.19 2.72
CA ILE B 61 27.82 -24.64 2.87
C ILE B 61 28.30 -25.42 1.67
N GLN B 62 28.27 -24.83 0.45
CA GLN B 62 28.70 -25.52 -0.74
C GLN B 62 28.96 -24.50 -1.82
N LYS B 63 30.08 -24.68 -2.52
CA LYS B 63 30.46 -23.88 -3.68
C LYS B 63 30.63 -24.85 -4.85
N CYS B 64 29.93 -24.62 -5.97
CA CYS B 64 29.96 -25.46 -7.19
C CYS B 64 30.39 -24.63 -8.36
N ASP B 65 31.36 -25.12 -9.15
CA ASP B 65 31.82 -24.38 -10.32
C ASP B 65 31.57 -25.18 -11.56
N PHE B 66 31.06 -24.53 -12.60
CA PHE B 66 30.75 -25.21 -13.87
C PHE B 66 31.45 -24.46 -14.99
N PRO B 67 32.77 -24.72 -15.19
CA PRO B 67 33.55 -23.93 -16.17
C PRO B 67 33.02 -23.90 -17.60
N ILE B 68 32.47 -25.03 -18.10
CA ILE B 68 31.91 -25.06 -19.47
C ILE B 68 30.74 -24.07 -19.63
N MET B 69 29.92 -23.96 -18.56
CA MET B 69 28.76 -23.09 -18.58
C MET B 69 29.05 -21.69 -18.02
N LYS B 70 30.30 -21.47 -17.54
CA LYS B 70 30.73 -20.16 -17.06
C LYS B 70 29.87 -19.61 -15.91
N PHE B 71 29.63 -20.45 -14.91
CA PHE B 71 28.91 -20.02 -13.72
C PHE B 71 29.35 -20.80 -12.51
N SER B 72 29.05 -20.23 -11.32
CA SER B 72 29.26 -20.86 -10.04
C SER B 72 28.00 -20.77 -9.24
N LEU B 73 27.82 -21.72 -8.31
CA LEU B 73 26.71 -21.70 -7.36
C LEU B 73 27.28 -21.64 -5.95
N TYR B 74 26.70 -20.77 -5.14
CA TYR B 74 27.07 -20.60 -3.72
C TYR B 74 25.83 -20.87 -2.90
N PHE B 75 25.87 -21.95 -2.10
CA PHE B 75 24.74 -22.34 -1.25
C PHE B 75 24.97 -21.81 0.12
N LEU B 76 24.05 -20.93 0.60
CA LEU B 76 24.08 -20.29 1.92
C LEU B 76 22.97 -20.83 2.79
N ALA B 77 23.27 -21.05 4.06
CA ALA B 77 22.24 -21.58 4.96
C ALA B 77 22.60 -21.25 6.39
N TYR B 78 21.58 -21.34 7.28
CA TYR B 78 21.80 -21.20 8.71
C TYR B 78 22.14 -22.60 9.24
N GLU B 79 23.42 -22.92 9.11
CA GLU B 79 23.96 -24.20 9.52
C GLU B 79 25.26 -23.95 10.25
N ASP B 80 25.60 -24.85 11.16
CA ASP B 80 26.87 -24.75 11.89
C ASP B 80 28.00 -25.14 10.91
N LYS B 81 29.03 -24.27 10.75
CA LYS B 81 30.15 -24.56 9.84
C LYS B 81 30.86 -25.89 10.19
N ASN B 82 30.81 -26.31 11.48
CA ASN B 82 31.44 -27.56 11.93
C ASN B 82 30.70 -28.81 11.43
N ASP B 83 29.48 -28.65 10.89
CA ASP B 83 28.70 -29.75 10.33
C ASP B 83 28.98 -29.95 8.83
N ILE B 84 29.78 -29.06 8.22
CA ILE B 84 30.08 -29.18 6.79
C ILE B 84 31.04 -30.36 6.56
N PRO B 85 30.67 -31.43 5.81
CA PRO B 85 31.64 -32.50 5.54
C PRO B 85 32.78 -32.00 4.66
N LYS B 86 33.98 -32.58 4.82
CA LYS B 86 35.14 -32.20 4.02
C LYS B 86 35.14 -32.90 2.68
N GLU B 87 34.71 -34.19 2.65
CA GLU B 87 34.74 -34.99 1.44
C GLU B 87 33.68 -34.48 0.46
N LYS B 88 34.10 -34.22 -0.79
CA LYS B 88 33.32 -33.65 -1.89
C LYS B 88 31.92 -34.25 -2.07
N ASP B 89 31.81 -35.58 -2.25
CA ASP B 89 30.51 -36.24 -2.49
C ASP B 89 29.60 -36.18 -1.27
N GLU B 90 30.16 -36.39 -0.09
CA GLU B 90 29.41 -36.32 1.16
C GLU B 90 28.89 -34.89 1.40
N LYS B 91 29.75 -33.89 1.14
CA LYS B 91 29.41 -32.48 1.31
C LYS B 91 28.21 -32.10 0.43
N ILE B 92 28.23 -32.51 -0.85
CA ILE B 92 27.13 -32.16 -1.76
C ILE B 92 25.81 -32.77 -1.30
N ALA B 93 25.83 -34.05 -0.91
CA ALA B 93 24.63 -34.74 -0.46
C ALA B 93 24.09 -34.13 0.81
N TRP B 94 24.99 -33.65 1.71
CA TRP B 94 24.56 -33.04 2.95
C TRP B 94 24.00 -31.63 2.67
N ALA B 95 24.73 -30.82 1.89
CA ALA B 95 24.31 -29.44 1.61
C ALA B 95 23.00 -29.39 0.88
N LEU B 96 22.84 -30.24 -0.13
CA LEU B 96 21.60 -30.22 -0.94
C LEU B 96 20.44 -30.90 -0.27
N SER B 97 20.63 -31.44 0.95
CA SER B 97 19.54 -32.03 1.71
C SER B 97 19.18 -31.14 2.90
N ARG B 98 19.83 -29.94 2.99
CA ARG B 98 19.46 -29.00 4.04
C ARG B 98 18.20 -28.26 3.60
N LYS B 99 17.31 -27.97 4.55
CA LYS B 99 16.11 -27.19 4.27
C LYS B 99 16.52 -25.72 4.22
N ALA B 100 15.74 -24.90 3.49
CA ALA B 100 15.88 -23.46 3.58
C ALA B 100 17.27 -22.95 3.26
N THR B 101 17.77 -23.34 2.09
CA THR B 101 19.02 -22.76 1.61
C THR B 101 18.78 -21.71 0.55
N LEU B 102 19.77 -20.87 0.36
CA LEU B 102 19.76 -19.83 -0.63
CA LEU B 102 19.80 -19.84 -0.69
C LEU B 102 20.84 -20.23 -1.66
N GLU B 103 20.48 -20.32 -2.94
CA GLU B 103 21.41 -20.67 -4.01
C GLU B 103 21.73 -19.38 -4.74
N LEU B 104 22.97 -18.91 -4.66
CA LEU B 104 23.34 -17.68 -5.33
C LEU B 104 24.10 -18.03 -6.58
N THR B 105 23.58 -17.59 -7.73
CA THR B 105 24.17 -17.90 -9.03
C THR B 105 25.05 -16.80 -9.56
N HIS B 106 26.34 -17.10 -9.76
CA HIS B 106 27.28 -16.13 -10.32
C HIS B 106 27.57 -16.52 -11.78
N ASN B 107 27.04 -15.75 -12.72
CA ASN B 107 27.35 -15.88 -14.15
C ASN B 107 28.66 -15.10 -14.31
N TRP B 108 29.73 -15.82 -14.63
CA TRP B 108 31.05 -15.19 -14.68
C TRP B 108 31.13 -13.96 -15.56
N GLY B 109 31.82 -12.94 -15.05
CA GLY B 109 32.04 -11.68 -15.75
C GLY B 109 31.10 -10.55 -15.40
N THR B 110 29.96 -10.85 -14.71
CA THR B 110 29.02 -9.77 -14.36
C THR B 110 29.60 -8.73 -13.43
N GLU B 111 30.55 -9.12 -12.58
CA GLU B 111 31.17 -8.22 -11.60
C GLU B 111 32.05 -7.12 -12.24
N ASP B 112 32.49 -7.34 -13.50
CA ASP B 112 33.36 -6.41 -14.25
C ASP B 112 32.58 -5.38 -15.09
N ASP B 113 31.29 -5.65 -15.35
CA ASP B 113 30.41 -4.81 -16.17
C ASP B 113 29.62 -3.85 -15.31
N GLU B 114 30.00 -2.56 -15.33
CA GLU B 114 29.34 -1.51 -14.54
C GLU B 114 27.86 -1.28 -14.94
N THR B 115 27.53 -1.50 -16.24
CA THR B 115 26.18 -1.29 -16.76
C THR B 115 25.21 -2.48 -16.52
N GLN B 116 25.73 -3.58 -15.93
CA GLN B 116 24.95 -4.79 -15.65
C GLN B 116 24.42 -4.79 -14.21
N SER B 117 23.15 -5.25 -14.05
CA SER B 117 22.47 -5.44 -12.76
C SER B 117 21.26 -6.37 -12.91
N TYR B 118 20.97 -7.16 -11.87
CA TYR B 118 19.79 -8.03 -11.89
C TYR B 118 18.57 -7.27 -11.40
N HIS B 119 17.39 -7.83 -11.66
CA HIS B 119 16.10 -7.25 -11.33
C HIS B 119 15.57 -7.91 -10.04
N ASN B 120 15.13 -7.10 -9.08
CA ASN B 120 14.70 -7.65 -7.80
C ASN B 120 13.24 -8.13 -7.71
N GLY B 121 12.48 -7.94 -8.78
CA GLY B 121 11.10 -8.38 -8.88
C GLY B 121 10.09 -7.45 -8.21
N ASN B 122 10.54 -6.32 -7.65
CA ASN B 122 9.70 -5.36 -6.91
C ASN B 122 9.38 -4.08 -7.69
N SER B 123 9.66 -4.10 -8.99
CA SER B 123 9.25 -3.02 -9.92
C SER B 123 8.89 -3.72 -11.21
N ASP B 124 8.17 -3.03 -12.10
CA ASP B 124 7.74 -3.67 -13.34
C ASP B 124 8.92 -4.24 -14.15
N PRO B 125 8.88 -5.53 -14.55
CA PRO B 125 7.82 -6.52 -14.29
C PRO B 125 8.02 -7.25 -12.95
N ARG B 126 6.96 -7.33 -12.14
CA ARG B 126 7.02 -7.94 -10.81
C ARG B 126 6.83 -9.46 -10.85
N GLY B 127 7.34 -10.12 -9.82
CA GLY B 127 7.13 -11.56 -9.67
C GLY B 127 7.55 -11.97 -8.26
N PHE B 128 8.79 -12.46 -8.17
CA PHE B 128 9.40 -12.73 -6.88
C PHE B 128 9.40 -11.43 -6.07
N GLY B 129 9.22 -11.54 -4.74
CA GLY B 129 9.22 -10.34 -3.91
C GLY B 129 10.39 -10.28 -2.96
N HIS B 130 10.58 -11.33 -2.15
CA HIS B 130 11.62 -11.26 -1.13
C HIS B 130 11.85 -12.59 -0.49
N ILE B 131 12.95 -12.69 0.22
CA ILE B 131 13.15 -13.76 1.17
C ILE B 131 12.91 -13.12 2.54
N GLY B 132 12.72 -13.93 3.58
CA GLY B 132 12.45 -13.37 4.90
C GLY B 132 13.14 -14.16 5.97
N ILE B 133 13.69 -13.43 6.95
CA ILE B 133 14.41 -14.04 8.05
CA ILE B 133 14.46 -13.97 8.08
C ILE B 133 13.69 -13.73 9.37
N ALA B 134 13.42 -14.80 10.14
CA ALA B 134 12.77 -14.65 11.46
C ALA B 134 13.92 -14.44 12.47
N VAL B 135 13.75 -13.41 13.34
CA VAL B 135 14.79 -13.05 14.30
C VAL B 135 14.12 -12.91 15.67
N PRO B 136 14.90 -12.94 16.77
CA PRO B 136 14.26 -12.75 18.08
C PRO B 136 13.86 -11.30 18.34
N ASP B 137 14.56 -10.31 17.72
CA ASP B 137 14.30 -8.90 18.02
C ASP B 137 14.57 -8.09 16.74
N VAL B 138 13.50 -7.64 16.10
CA VAL B 138 13.66 -6.87 14.86
C VAL B 138 14.43 -5.55 15.13
N TYR B 139 14.13 -4.88 16.25
CA TYR B 139 14.74 -3.61 16.57
C TYR B 139 16.25 -3.68 16.80
N SER B 140 16.74 -4.63 17.58
CA SER B 140 18.18 -4.74 17.80
C SER B 140 18.86 -5.24 16.54
N ALA B 141 18.21 -6.14 15.77
CA ALA B 141 18.84 -6.61 14.53
C ALA B 141 19.02 -5.43 13.56
N CYS B 142 17.98 -4.57 13.42
CA CYS B 142 18.06 -3.42 12.51
C CYS B 142 19.03 -2.34 12.98
N LYS B 143 19.17 -2.15 14.33
CA LYS B 143 20.16 -1.21 14.86
C LYS B 143 21.57 -1.67 14.39
N ARG B 144 21.82 -2.98 14.49
CA ARG B 144 23.08 -3.54 14.03
C ARG B 144 23.25 -3.40 12.52
N PHE B 145 22.19 -3.66 11.71
CA PHE B 145 22.30 -3.49 10.26
C PHE B 145 22.66 -2.04 9.91
N GLU B 146 22.07 -1.06 10.63
CA GLU B 146 22.35 0.38 10.45
C GLU B 146 23.82 0.66 10.71
N GLU B 147 24.39 0.12 11.82
CA GLU B 147 25.81 0.28 12.17
C GLU B 147 26.70 -0.28 11.06
N LEU B 148 26.25 -1.37 10.39
CA LEU B 148 26.99 -2.03 9.33
C LEU B 148 26.83 -1.41 7.95
N GLY B 149 26.01 -0.36 7.84
CA GLY B 149 25.83 0.33 6.57
C GLY B 149 24.89 -0.35 5.60
N VAL B 150 24.03 -1.25 6.12
CA VAL B 150 23.06 -1.95 5.29
C VAL B 150 22.01 -0.99 4.72
N LYS B 151 21.65 -1.19 3.44
CA LYS B 151 20.62 -0.40 2.81
C LYS B 151 19.24 -0.91 3.22
N PHE B 152 18.35 0.02 3.60
CA PHE B 152 16.99 -0.34 3.99
C PHE B 152 15.97 0.02 2.95
N VAL B 153 14.92 -0.81 2.85
CA VAL B 153 13.73 -0.57 2.06
C VAL B 153 12.64 -0.02 3.01
N LYS B 154 12.55 -0.62 4.23
CA LYS B 154 11.58 -0.20 5.22
C LYS B 154 12.19 -0.39 6.60
N LYS B 155 12.36 0.71 7.35
CA LYS B 155 12.77 0.63 8.74
C LYS B 155 11.60 0.03 9.57
N PRO B 156 11.88 -0.64 10.71
CA PRO B 156 10.79 -1.35 11.43
C PRO B 156 9.55 -0.55 11.78
N ASP B 157 9.74 0.71 12.20
CA ASP B 157 8.59 1.55 12.58
C ASP B 157 8.14 2.56 11.56
N ASP B 158 8.68 2.47 10.32
CA ASP B 158 8.24 3.31 9.22
C ASP B 158 7.18 2.55 8.46
N GLY B 159 6.24 3.27 7.86
CA GLY B 159 5.19 2.63 7.08
C GLY B 159 4.03 2.10 7.90
N LYS B 160 3.16 1.34 7.23
CA LYS B 160 1.92 0.85 7.82
C LYS B 160 2.06 -0.24 8.89
N MET B 161 2.98 -1.19 8.67
CA MET B 161 3.17 -2.30 9.61
C MET B 161 4.40 -2.14 10.48
N LYS B 162 4.18 -1.83 11.74
CA LYS B 162 5.27 -1.57 12.68
C LYS B 162 5.91 -2.88 13.14
N GLY B 163 7.21 -2.84 13.42
CA GLY B 163 7.95 -3.99 13.92
C GLY B 163 8.37 -5.03 12.90
N LEU B 164 8.24 -4.66 11.61
CA LEU B 164 8.61 -5.48 10.45
CA LEU B 164 8.59 -5.46 10.44
C LEU B 164 9.53 -4.61 9.56
N ALA B 165 10.68 -5.15 9.12
CA ALA B 165 11.58 -4.38 8.27
C ALA B 165 11.90 -5.07 6.97
N PHE B 166 12.40 -4.30 5.98
CA PHE B 166 12.92 -4.83 4.74
C PHE B 166 14.27 -4.18 4.53
N ILE B 167 15.29 -5.00 4.34
CA ILE B 167 16.64 -4.56 3.98
C ILE B 167 16.88 -5.05 2.56
N GLN B 168 18.04 -4.69 2.02
CA GLN B 168 18.44 -5.15 0.69
C GLN B 168 19.82 -5.71 0.73
N ASP B 169 20.03 -6.75 -0.09
CA ASP B 169 21.35 -7.32 -0.26
C ASP B 169 22.12 -6.52 -1.34
N PRO B 170 23.39 -6.89 -1.63
CA PRO B 170 24.17 -6.12 -2.62
C PRO B 170 23.57 -6.00 -4.01
N ASP B 171 22.73 -6.97 -4.43
CA ASP B 171 22.05 -6.92 -5.73
C ASP B 171 20.73 -6.17 -5.66
N GLY B 172 20.32 -5.78 -4.45
CA GLY B 172 19.06 -5.07 -4.28
C GLY B 172 17.88 -5.98 -3.99
N TYR B 173 18.12 -7.29 -3.80
CA TYR B 173 17.01 -8.18 -3.43
C TYR B 173 16.53 -7.80 -2.03
N TRP B 174 15.22 -7.83 -1.86
CA TRP B 174 14.62 -7.48 -0.58
C TRP B 174 14.63 -8.66 0.36
N ILE B 175 14.90 -8.35 1.63
CA ILE B 175 14.94 -9.32 2.71
C ILE B 175 14.11 -8.81 3.85
N GLU B 176 13.01 -9.50 4.14
CA GLU B 176 12.15 -9.15 5.27
C GLU B 176 12.80 -9.62 6.56
N ILE B 177 12.66 -8.82 7.63
CA ILE B 177 13.17 -9.09 8.95
C ILE B 177 11.94 -9.07 9.85
N LEU B 178 11.60 -10.23 10.42
CA LEU B 178 10.34 -10.33 11.20
C LEU B 178 10.56 -11.08 12.49
N ASN B 179 9.74 -10.75 13.51
CA ASN B 179 9.70 -11.46 14.78
C ASN B 179 8.32 -12.15 14.79
N PRO B 180 8.27 -13.49 14.58
CA PRO B 180 6.98 -14.20 14.54
C PRO B 180 6.13 -14.01 15.79
N ASN B 181 6.73 -13.66 16.94
CA ASN B 181 5.97 -13.48 18.18
C ASN B 181 5.33 -12.13 18.31
N LYS B 182 5.60 -11.21 17.37
CA LYS B 182 5.05 -9.85 17.42
C LYS B 182 4.39 -9.48 16.09
N MET B 183 3.73 -10.48 15.45
CA MET B 183 3.07 -10.28 14.16
CA MET B 183 3.04 -10.20 14.20
C MET B 183 1.55 -10.32 14.31
N ALA B 184 1.04 -11.19 15.22
CA ALA B 184 -0.41 -11.34 15.42
C ALA B 184 -1.07 -10.04 15.84
N THR B 185 -0.36 -9.18 16.58
CA THR B 185 -0.92 -7.89 17.02
C THR B 185 -1.09 -6.86 15.89
N LEU B 186 -0.57 -7.17 14.68
CA LEU B 186 -0.69 -6.30 13.49
C LEU B 186 -1.97 -6.58 12.68
N MET B 187 -2.75 -7.61 13.07
CA MET B 187 -3.99 -7.99 12.39
C MET B 187 -5.18 -7.23 12.98
N GLY C 12 9.69 11.95 -13.70
CA GLY C 12 9.30 13.31 -13.36
C GLY C 12 7.81 13.51 -13.35
N GLY C 13 7.38 14.71 -13.70
CA GLY C 13 5.96 14.99 -13.72
C GLY C 13 5.36 14.78 -15.10
N LEU C 14 4.03 14.79 -15.18
CA LEU C 14 3.33 14.69 -16.46
C LEU C 14 3.44 16.00 -17.19
N THR C 15 3.53 15.95 -18.54
CA THR C 15 3.42 17.16 -19.32
C THR C 15 1.94 17.59 -19.32
N ASP C 16 1.68 18.83 -19.73
CA ASP C 16 0.31 19.32 -19.81
C ASP C 16 -0.49 18.42 -20.76
N GLU C 17 0.09 18.07 -21.94
CA GLU C 17 -0.61 17.23 -22.93
C GLU C 17 -0.85 15.84 -22.40
N ALA C 18 0.14 15.23 -21.70
CA ALA C 18 -0.05 13.90 -21.15
C ALA C 18 -1.20 13.88 -20.11
N ALA C 19 -1.27 14.94 -19.26
CA ALA C 19 -2.35 15.00 -18.27
C ALA C 19 -3.70 15.13 -18.98
N LEU C 20 -3.80 16.04 -19.97
CA LEU C 20 -5.05 16.22 -20.71
CA LEU C 20 -5.06 16.22 -20.67
C LEU C 20 -5.52 14.91 -21.36
N SER C 21 -4.56 14.11 -21.88
CA SER C 21 -4.94 12.82 -22.51
C SER C 21 -5.55 11.80 -21.51
N CYS C 22 -5.37 12.02 -20.19
CA CYS C 22 -5.94 11.14 -19.18
C CYS C 22 -7.33 11.57 -18.79
N CYS C 23 -7.76 12.76 -19.26
CA CYS C 23 -9.05 13.36 -18.92
C CYS C 23 -10.10 13.02 -19.93
N SER C 24 -11.33 12.86 -19.45
CA SER C 24 -12.48 12.62 -20.29
C SER C 24 -13.51 13.70 -20.09
N ASP C 25 -14.29 13.98 -21.13
CA ASP C 25 -15.40 14.89 -21.02
C ASP C 25 -16.45 14.25 -20.09
N ALA C 26 -17.25 15.10 -19.47
CA ALA C 26 -18.26 14.72 -18.51
C ALA C 26 -19.41 13.93 -19.10
N ASP C 27 -19.67 12.74 -18.59
CA ASP C 27 -20.81 11.94 -19.06
C ASP C 27 -22.09 12.72 -18.70
N PRO C 28 -23.12 12.75 -19.59
CA PRO C 28 -24.32 13.55 -19.26
C PRO C 28 -25.03 13.17 -17.98
N SER C 29 -24.88 11.92 -17.53
CA SER C 29 -25.48 11.45 -16.27
C SER C 29 -24.87 12.13 -15.04
N THR C 30 -23.72 12.80 -15.19
CA THR C 30 -23.06 13.48 -14.07
C THR C 30 -23.25 15.00 -14.10
N LYS C 31 -23.97 15.52 -15.11
CA LYS C 31 -24.09 16.97 -15.33
C LYS C 31 -24.51 17.86 -14.15
N ASP C 32 -25.27 17.31 -13.17
CA ASP C 32 -25.75 18.05 -12.01
C ASP C 32 -25.05 17.64 -10.70
N PHE C 33 -24.03 16.79 -10.82
CA PHE C 33 -23.27 16.39 -9.62
C PHE C 33 -22.54 17.61 -9.06
N LEU C 34 -22.44 17.65 -7.73
CA LEU C 34 -21.72 18.73 -7.07
C LEU C 34 -20.86 18.21 -5.92
N LEU C 35 -19.75 18.89 -5.67
CA LEU C 35 -18.86 18.51 -4.58
C LEU C 35 -19.39 19.18 -3.32
N GLN C 36 -20.04 18.38 -2.51
CA GLN C 36 -20.87 18.85 -1.42
C GLN C 36 -20.19 18.96 -0.08
N GLN C 37 -19.29 18.03 0.24
CA GLN C 37 -18.73 17.98 1.58
C GLN C 37 -17.34 17.37 1.61
N THR C 38 -16.60 17.78 2.67
CA THR C 38 -15.31 17.21 3.05
C THR C 38 -15.49 16.87 4.52
N MET C 39 -15.27 15.62 4.91
CA MET C 39 -15.46 15.19 6.29
C MET C 39 -14.12 15.05 7.03
N LEU C 40 -14.11 15.59 8.25
CA LEU C 40 -12.98 15.50 9.16
C LEU C 40 -13.51 15.07 10.50
N ARG C 41 -12.82 14.12 11.16
CA ARG C 41 -13.23 13.72 12.51
C ARG C 41 -12.67 14.71 13.54
N VAL C 42 -13.51 15.10 14.54
CA VAL C 42 -13.09 16.09 15.54
C VAL C 42 -13.18 15.49 16.93
N LYS C 43 -12.11 15.68 17.71
CA LYS C 43 -12.10 15.09 19.06
C LYS C 43 -13.15 15.75 19.96
N ASP C 44 -13.30 17.08 19.89
CA ASP C 44 -14.17 17.83 20.78
C ASP C 44 -14.93 18.86 19.96
N PRO C 45 -16.25 18.63 19.76
CA PRO C 45 -17.01 19.56 18.92
C PRO C 45 -17.16 20.95 19.53
N LYS C 46 -17.08 21.07 20.87
CA LYS C 46 -17.17 22.40 21.46
C LYS C 46 -16.01 23.30 20.95
N LYS C 47 -14.79 22.76 20.93
CA LYS C 47 -13.62 23.48 20.47
C LYS C 47 -13.70 23.73 18.96
N SER C 48 -14.09 22.70 18.19
CA SER C 48 -14.18 22.85 16.73
C SER C 48 -15.24 23.84 16.31
N LEU C 49 -16.41 23.80 16.94
CA LEU C 49 -17.48 24.74 16.54
C LEU C 49 -17.05 26.18 16.82
N ASP C 50 -16.38 26.40 17.95
CA ASP C 50 -15.88 27.74 18.29
C ASP C 50 -14.88 28.23 17.22
N PHE C 51 -13.94 27.35 16.83
CA PHE C 51 -12.94 27.71 15.86
C PHE C 51 -13.57 28.04 14.50
N TYR C 52 -14.39 27.12 13.97
CA TYR C 52 -14.92 27.32 12.63
C TYR C 52 -15.87 28.48 12.50
N THR C 53 -16.62 28.78 13.57
CA THR C 53 -17.58 29.89 13.53
C THR C 53 -16.90 31.21 13.94
N ARG C 54 -16.34 31.28 15.17
CA ARG C 54 -15.75 32.56 15.64
C ARG C 54 -14.49 32.93 14.90
N VAL C 55 -13.58 31.96 14.67
CA VAL C 55 -12.35 32.35 13.99
C VAL C 55 -12.54 32.44 12.46
N LEU C 56 -13.07 31.36 11.85
CA LEU C 56 -13.14 31.35 10.40
C LEU C 56 -14.39 31.95 9.79
N GLY C 57 -15.41 32.22 10.60
CA GLY C 57 -16.61 32.84 10.05
C GLY C 57 -17.57 31.95 9.32
N MET C 58 -17.45 30.62 9.49
CA MET C 58 -18.42 29.71 8.90
C MET C 58 -19.67 29.67 9.78
N THR C 59 -20.74 29.08 9.26
CA THR C 59 -22.01 28.93 9.98
C THR C 59 -22.33 27.45 10.15
N LEU C 60 -22.82 27.07 11.36
CA LEU C 60 -23.31 25.73 11.60
C LEU C 60 -24.68 25.69 10.91
N ILE C 61 -24.75 24.97 9.80
CA ILE C 61 -25.99 24.89 9.01
C ILE C 61 -26.84 23.67 9.33
N GLN C 62 -26.25 22.60 9.92
CA GLN C 62 -27.03 21.41 10.26
C GLN C 62 -26.26 20.58 11.25
N LYS C 63 -26.99 19.97 12.20
CA LYS C 63 -26.45 19.04 13.18
C LYS C 63 -27.34 17.79 13.11
N CYS C 64 -26.71 16.62 12.98
CA CYS C 64 -27.43 15.34 12.86
C CYS C 64 -26.86 14.38 13.88
N ASP C 65 -27.74 13.78 14.70
CA ASP C 65 -27.31 12.85 15.72
C ASP C 65 -27.68 11.44 15.33
N PHE C 66 -26.75 10.49 15.52
CA PHE C 66 -26.95 9.10 15.15
C PHE C 66 -26.67 8.18 16.35
N PRO C 67 -27.64 8.09 17.30
CA PRO C 67 -27.44 7.23 18.48
C PRO C 67 -27.06 5.78 18.20
N ILE C 68 -27.51 5.21 17.05
CA ILE C 68 -27.18 3.83 16.65
C ILE C 68 -25.66 3.60 16.55
N MET C 69 -24.95 4.52 15.87
CA MET C 69 -23.49 4.41 15.71
C MET C 69 -22.70 5.33 16.64
N LYS C 70 -23.39 5.94 17.62
CA LYS C 70 -22.81 6.81 18.64
C LYS C 70 -21.96 7.96 18.07
N PHE C 71 -22.53 8.74 17.15
CA PHE C 71 -21.80 9.89 16.62
C PHE C 71 -22.76 10.99 16.24
N SER C 72 -22.21 12.21 16.06
CA SER C 72 -22.96 13.36 15.57
C SER C 72 -22.18 13.95 14.43
N LEU C 73 -22.91 14.54 13.48
CA LEU C 73 -22.34 15.25 12.34
C LEU C 73 -22.70 16.71 12.44
N TYR C 74 -21.69 17.57 12.25
CA TYR C 74 -21.86 19.02 12.23
C TYR C 74 -21.49 19.51 10.84
N PHE C 75 -22.42 20.17 10.15
CA PHE C 75 -22.15 20.72 8.83
C PHE C 75 -21.93 22.21 8.93
N LEU C 76 -20.72 22.64 8.55
CA LEU C 76 -20.29 24.04 8.57
C LEU C 76 -20.16 24.55 7.14
N ALA C 77 -20.56 25.79 6.87
CA ALA C 77 -20.41 26.30 5.52
C ALA C 77 -20.38 27.81 5.55
N TYR C 78 -19.92 28.40 4.44
CA TYR C 78 -19.99 29.83 4.30
C TYR C 78 -21.36 30.12 3.66
N GLU C 79 -22.37 30.22 4.52
CA GLU C 79 -23.77 30.49 4.16
C GLU C 79 -24.31 31.49 5.15
N ASP C 80 -25.31 32.23 4.71
CA ASP C 80 -26.00 33.21 5.54
C ASP C 80 -26.96 32.47 6.47
N LYS C 81 -26.82 32.69 7.79
CA LYS C 81 -27.64 32.07 8.83
C LYS C 81 -29.16 32.25 8.56
N ASN C 82 -29.56 33.37 7.95
CA ASN C 82 -30.97 33.65 7.63
C ASN C 82 -31.53 32.71 6.56
N ASP C 83 -30.65 32.02 5.79
CA ASP C 83 -31.06 31.10 4.73
C ASP C 83 -31.34 29.69 5.23
N ILE C 84 -31.00 29.40 6.50
CA ILE C 84 -31.26 28.09 7.11
C ILE C 84 -32.79 27.93 7.25
N PRO C 85 -33.42 26.90 6.63
CA PRO C 85 -34.88 26.72 6.79
C PRO C 85 -35.27 26.43 8.23
N LYS C 86 -36.51 26.74 8.59
CA LYS C 86 -37.00 26.52 9.95
C LYS C 86 -37.36 25.06 10.21
N GLU C 87 -38.11 24.43 9.27
CA GLU C 87 -38.58 23.04 9.39
C GLU C 87 -37.46 22.00 9.21
N LYS C 88 -37.45 20.97 10.07
CA LYS C 88 -36.50 19.84 10.18
C LYS C 88 -36.07 19.17 8.87
N ASP C 89 -37.02 18.65 8.07
CA ASP C 89 -36.72 17.94 6.81
C ASP C 89 -36.25 18.88 5.71
N GLU C 90 -36.84 20.11 5.68
CA GLU C 90 -36.43 21.15 4.75
C GLU C 90 -34.99 21.55 5.07
N LYS C 91 -34.64 21.59 6.37
CA LYS C 91 -33.28 21.92 6.85
C LYS C 91 -32.25 20.97 6.25
N ILE C 92 -32.49 19.65 6.39
CA ILE C 92 -31.58 18.62 5.93
C ILE C 92 -31.38 18.73 4.41
N ALA C 93 -32.46 18.80 3.63
CA ALA C 93 -32.35 18.87 2.18
C ALA C 93 -31.61 20.12 1.70
N TRP C 94 -31.78 21.25 2.41
CA TRP C 94 -31.09 22.48 2.06
C TRP C 94 -29.60 22.37 2.42
N ALA C 95 -29.29 21.97 3.68
CA ALA C 95 -27.90 21.90 4.13
C ALA C 95 -27.08 20.92 3.27
N LEU C 96 -27.66 19.73 2.99
CA LEU C 96 -26.95 18.72 2.20
CA LEU C 96 -26.96 18.69 2.22
C LEU C 96 -26.88 18.97 0.72
N SER C 97 -27.48 20.08 0.25
CA SER C 97 -27.39 20.49 -1.15
C SER C 97 -26.52 21.74 -1.30
N ARG C 98 -25.91 22.24 -0.20
CA ARG C 98 -24.97 23.36 -0.29
C ARG C 98 -23.63 22.84 -0.80
N LYS C 99 -22.97 23.60 -1.69
CA LYS C 99 -21.64 23.23 -2.16
C LYS C 99 -20.63 23.58 -1.08
N ALA C 100 -19.50 22.86 -1.07
CA ALA C 100 -18.37 23.24 -0.25
C ALA C 100 -18.68 23.31 1.25
N THR C 101 -19.30 22.26 1.79
CA THR C 101 -19.51 22.21 3.24
C THR C 101 -18.38 21.41 3.89
N LEU C 102 -18.23 21.64 5.18
CA LEU C 102 -17.27 20.90 5.97
CA LEU C 102 -17.29 20.92 6.03
C LEU C 102 -18.10 20.09 6.96
N GLU C 103 -17.94 18.77 6.90
CA GLU C 103 -18.65 17.88 7.79
C GLU C 103 -17.68 17.49 8.92
N LEU C 104 -18.04 17.81 10.17
CA LEU C 104 -17.22 17.47 11.34
C LEU C 104 -17.89 16.34 12.07
N THR C 105 -17.18 15.21 12.19
CA THR C 105 -17.75 14.03 12.82
C THR C 105 -17.27 13.89 14.22
N HIS C 106 -18.22 13.83 15.16
CA HIS C 106 -17.91 13.64 16.57
C HIS C 106 -18.33 12.23 16.99
N ASN C 107 -17.34 11.35 17.20
CA ASN C 107 -17.58 10.00 17.73
C ASN C 107 -17.65 10.20 19.25
N TRP C 108 -18.84 9.93 19.80
CA TRP C 108 -19.07 10.18 21.22
C TRP C 108 -18.05 9.54 22.11
N GLY C 109 -17.54 10.34 23.04
CA GLY C 109 -16.58 9.90 24.05
C GLY C 109 -15.14 10.25 23.77
N THR C 110 -14.79 10.70 22.54
CA THR C 110 -13.38 11.00 22.26
C THR C 110 -12.85 12.16 23.12
N GLU C 111 -13.71 13.12 23.47
CA GLU C 111 -13.35 14.28 24.28
C GLU C 111 -12.95 13.89 25.72
N ASP C 112 -13.39 12.70 26.16
CA ASP C 112 -13.13 12.14 27.51
C ASP C 112 -11.96 11.15 27.54
N ASP C 113 -11.29 10.94 26.41
CA ASP C 113 -10.15 10.02 26.35
C ASP C 113 -8.87 10.78 26.10
N GLU C 114 -8.06 10.95 27.16
CA GLU C 114 -6.78 11.68 27.10
C GLU C 114 -5.74 11.09 26.12
N THR C 115 -5.85 9.78 25.80
CA THR C 115 -4.89 9.11 24.91
C THR C 115 -5.30 9.23 23.45
N GLN C 116 -6.53 9.72 23.19
CA GLN C 116 -7.06 9.80 21.84
C GLN C 116 -6.73 11.13 21.16
N SER C 117 -6.42 11.05 19.87
CA SER C 117 -6.25 12.21 18.99
C SER C 117 -6.38 11.73 17.57
N TYR C 118 -6.76 12.66 16.67
CA TYR C 118 -6.85 12.36 15.25
C TYR C 118 -5.59 12.78 14.56
N HIS C 119 -5.34 12.19 13.40
CA HIS C 119 -4.13 12.43 12.62
C HIS C 119 -4.44 13.37 11.46
N ASN C 120 -3.60 14.40 11.27
CA ASN C 120 -3.85 15.44 10.25
C ASN C 120 -3.42 15.11 8.82
N GLY C 121 -2.76 13.97 8.61
CA GLY C 121 -2.34 13.53 7.28
C GLY C 121 -1.05 14.12 6.75
N ASN C 122 -0.38 15.00 7.53
CA ASN C 122 0.81 15.69 7.08
C ASN C 122 2.12 15.12 7.60
N SER C 123 2.00 14.02 8.33
CA SER C 123 3.15 13.22 8.77
C SER C 123 2.78 11.77 8.47
N ASP C 124 3.78 10.88 8.43
CA ASP C 124 3.49 9.48 8.14
C ASP C 124 2.45 8.88 9.09
N PRO C 125 1.37 8.25 8.56
CA PRO C 125 1.06 8.01 7.13
C PRO C 125 0.30 9.19 6.52
N ARG C 126 0.75 9.66 5.37
CA ARG C 126 0.14 10.83 4.72
C ARG C 126 -1.00 10.43 3.80
N GLY C 127 -1.91 11.37 3.54
CA GLY C 127 -3.02 11.16 2.61
C GLY C 127 -3.65 12.50 2.32
N PHE C 128 -4.77 12.78 2.99
CA PHE C 128 -5.38 14.11 2.99
C PHE C 128 -4.31 15.08 3.52
N GLY C 129 -4.29 16.30 3.01
CA GLY C 129 -3.35 17.31 3.46
C GLY C 129 -3.97 18.52 4.11
N HIS C 130 -5.01 19.12 3.48
CA HIS C 130 -5.56 20.34 4.06
C HIS C 130 -6.85 20.70 3.38
N ILE C 131 -7.57 21.63 4.01
CA ILE C 131 -8.63 22.36 3.30
C ILE C 131 -8.03 23.74 3.07
N GLY C 132 -8.60 24.52 2.15
CA GLY C 132 -8.06 25.85 1.91
C GLY C 132 -9.20 26.84 1.76
N ILE C 133 -8.99 28.03 2.34
CA ILE C 133 -9.96 29.11 2.31
C ILE C 133 -9.40 30.28 1.50
N ALA C 134 -10.18 30.72 0.49
CA ALA C 134 -9.76 31.86 -0.34
C ALA C 134 -10.27 33.12 0.35
N VAL C 135 -9.36 34.07 0.52
CA VAL C 135 -9.61 35.33 1.22
C VAL C 135 -9.20 36.50 0.34
N PRO C 136 -9.75 37.72 0.60
CA PRO C 136 -9.33 38.86 -0.23
C PRO C 136 -7.96 39.42 0.15
N ASP C 137 -7.48 39.14 1.36
CA ASP C 137 -6.20 39.67 1.82
C ASP C 137 -5.62 38.71 2.86
N VAL C 138 -4.58 37.94 2.46
CA VAL C 138 -3.95 36.97 3.37
C VAL C 138 -3.33 37.65 4.58
N TYR C 139 -2.70 38.83 4.38
CA TYR C 139 -2.02 39.53 5.46
C TYR C 139 -2.98 40.04 6.53
N SER C 140 -4.10 40.65 6.14
CA SER C 140 -5.04 41.13 7.16
C SER C 140 -5.76 39.95 7.82
N ALA C 141 -6.06 38.89 7.05
CA ALA C 141 -6.72 37.74 7.68
C ALA C 141 -5.81 37.15 8.75
N CYS C 142 -4.51 37.03 8.43
CA CYS C 142 -3.54 36.42 9.33
C CYS C 142 -3.20 37.32 10.50
N LYS C 143 -3.25 38.66 10.31
CA LYS C 143 -3.03 39.59 11.44
C LYS C 143 -4.14 39.31 12.49
N ARG C 144 -5.42 39.15 12.01
CA ARG C 144 -6.52 38.86 12.93
C ARG C 144 -6.33 37.46 13.56
N PHE C 145 -5.95 36.43 12.76
CA PHE C 145 -5.72 35.11 13.35
C PHE C 145 -4.66 35.19 14.47
N GLU C 146 -3.59 35.99 14.26
CA GLU C 146 -2.53 36.19 15.27
C GLU C 146 -3.13 36.84 16.55
N GLU C 147 -3.99 37.84 16.38
CA GLU C 147 -4.66 38.49 17.54
C GLU C 147 -5.50 37.49 18.33
N LEU C 148 -6.12 36.53 17.62
CA LEU C 148 -6.96 35.51 18.23
C LEU C 148 -6.18 34.31 18.79
N GLY C 149 -4.83 34.32 18.67
CA GLY C 149 -4.00 33.24 19.18
C GLY C 149 -4.06 31.93 18.39
N VAL C 150 -4.43 32.01 17.09
CA VAL C 150 -4.47 30.85 16.19
C VAL C 150 -3.05 30.27 16.00
N LYS C 151 -2.94 28.93 15.96
CA LYS C 151 -1.67 28.26 15.72
C LYS C 151 -1.35 28.26 14.21
N PHE C 152 -0.13 28.68 13.86
CA PHE C 152 0.35 28.69 12.49
C PHE C 152 1.32 27.60 12.17
N VAL C 153 1.10 26.92 11.04
CA VAL C 153 2.06 25.99 10.45
C VAL C 153 3.02 26.82 9.60
N LYS C 154 2.49 27.86 8.93
CA LYS C 154 3.28 28.73 8.08
C LYS C 154 2.66 30.11 8.09
N LYS C 155 3.42 31.12 8.55
CA LYS C 155 2.94 32.50 8.45
C LYS C 155 3.09 32.99 7.00
N PRO C 156 2.34 34.04 6.59
CA PRO C 156 2.37 34.44 5.17
C PRO C 156 3.72 34.58 4.52
N ASP C 157 4.68 35.22 5.21
CA ASP C 157 5.99 35.43 4.60
C ASP C 157 7.06 34.45 5.06
N ASP C 158 6.66 33.35 5.70
CA ASP C 158 7.66 32.34 6.09
C ASP C 158 7.98 31.47 4.90
N GLY C 159 9.25 31.14 4.75
CA GLY C 159 9.62 30.21 3.68
C GLY C 159 9.57 30.79 2.28
N LYS C 160 9.51 29.90 1.30
CA LYS C 160 9.61 30.30 -0.09
C LYS C 160 8.46 31.11 -0.63
N MET C 161 7.25 30.60 -0.45
CA MET C 161 6.05 31.21 -1.03
C MET C 161 5.47 32.30 -0.16
N LYS C 162 5.69 33.55 -0.55
CA LYS C 162 5.22 34.70 0.21
C LYS C 162 3.76 34.94 -0.08
N GLY C 163 3.02 35.38 0.94
CA GLY C 163 1.61 35.69 0.80
C GLY C 163 0.67 34.51 0.86
N LEU C 164 1.13 33.37 1.42
CA LEU C 164 0.36 32.13 1.53
C LEU C 164 0.58 31.57 2.91
N ALA C 165 -0.49 31.20 3.63
CA ALA C 165 -0.32 30.74 5.00
C ALA C 165 -1.00 29.40 5.24
N PHE C 166 -0.59 28.71 6.33
CA PHE C 166 -1.28 27.54 6.83
C PHE C 166 -1.49 27.75 8.32
N ILE C 167 -2.73 27.64 8.76
CA ILE C 167 -3.09 27.64 10.17
C ILE C 167 -3.60 26.27 10.52
N GLN C 168 -3.88 26.05 11.80
CA GLN C 168 -4.42 24.77 12.23
C GLN C 168 -5.68 24.96 13.04
N ASP C 169 -6.58 24.00 12.88
CA ASP C 169 -7.77 23.97 13.70
C ASP C 169 -7.44 23.27 15.06
N PRO C 170 -8.44 23.10 15.95
CA PRO C 170 -8.15 22.50 17.29
C PRO C 170 -7.65 21.06 17.25
N ASP C 171 -8.00 20.28 16.19
CA ASP C 171 -7.48 18.92 16.06
C ASP C 171 -6.12 18.90 15.35
N GLY C 172 -5.65 20.06 14.89
CA GLY C 172 -4.39 20.13 14.19
C GLY C 172 -4.48 19.98 12.68
N TYR C 173 -5.72 19.91 12.13
CA TYR C 173 -5.84 19.87 10.68
C TYR C 173 -5.32 21.18 10.10
N TRP C 174 -4.60 21.07 8.98
CA TRP C 174 -4.06 22.25 8.31
C TRP C 174 -5.11 22.92 7.43
N ILE C 175 -5.10 24.26 7.47
CA ILE C 175 -6.01 25.07 6.68
C ILE C 175 -5.18 26.11 5.94
N GLU C 176 -5.14 25.99 4.61
CA GLU C 176 -4.44 26.97 3.79
C GLU C 176 -5.27 28.28 3.71
N ILE C 177 -4.56 29.42 3.77
CA ILE C 177 -5.16 30.74 3.64
C ILE C 177 -4.52 31.33 2.40
N LEU C 178 -5.32 31.51 1.33
CA LEU C 178 -4.73 31.94 0.06
C LEU C 178 -5.54 33.05 -0.56
N ASN C 179 -4.88 33.87 -1.37
CA ASN C 179 -5.53 34.92 -2.13
C ASN C 179 -5.40 34.49 -3.61
N PRO C 180 -6.49 34.06 -4.26
CA PRO C 180 -6.40 33.56 -5.65
C PRO C 180 -5.76 34.52 -6.63
N ASN C 181 -5.87 35.83 -6.37
CA ASN C 181 -5.31 36.85 -7.27
C ASN C 181 -3.82 37.07 -7.08
N LYS C 182 -3.20 36.43 -6.05
CA LYS C 182 -1.77 36.57 -5.78
C LYS C 182 -1.00 35.22 -5.86
N MET C 183 -1.63 34.21 -6.46
CA MET C 183 -1.06 32.86 -6.58
C MET C 183 -0.16 32.69 -7.80
N ALA C 184 -0.53 33.32 -8.93
CA ALA C 184 0.21 33.26 -10.20
C ALA C 184 1.69 33.58 -10.05
N THR C 185 2.02 34.61 -9.24
CA THR C 185 3.40 35.03 -8.98
C THR C 185 4.26 33.95 -8.32
N LEU C 186 3.62 32.98 -7.63
CA LEU C 186 4.34 31.88 -6.95
C LEU C 186 4.82 30.79 -7.93
N MET C 187 4.36 30.86 -9.19
CA MET C 187 4.72 29.92 -10.26
C MET C 187 5.77 30.53 -11.19
N GLY D 12 -22.09 10.59 25.66
CA GLY D 12 -23.11 11.06 24.73
C GLY D 12 -22.66 12.26 23.91
N GLY D 13 -23.50 12.70 23.02
CA GLY D 13 -23.14 13.85 22.19
C GLY D 13 -23.67 15.15 22.75
N LEU D 14 -23.46 16.25 22.03
CA LEU D 14 -23.99 17.54 22.46
C LEU D 14 -25.46 17.65 22.12
N THR D 15 -26.22 18.42 22.90
CA THR D 15 -27.60 18.71 22.50
C THR D 15 -27.52 19.80 21.40
N ASP D 16 -28.63 20.03 20.68
CA ASP D 16 -28.66 21.09 19.66
C ASP D 16 -28.34 22.44 20.27
N GLU D 17 -28.92 22.75 21.44
CA GLU D 17 -28.71 24.02 22.12
C GLU D 17 -27.28 24.15 22.65
N ALA D 18 -26.65 23.05 23.09
CA ALA D 18 -25.27 23.13 23.58
C ALA D 18 -24.30 23.36 22.40
N ALA D 19 -24.60 22.78 21.25
CA ALA D 19 -23.78 23.00 20.05
C ALA D 19 -23.86 24.49 19.68
N LEU D 20 -25.07 25.07 19.69
CA LEU D 20 -25.28 26.46 19.34
C LEU D 20 -24.60 27.39 20.35
N SER D 21 -24.46 26.93 21.63
CA SER D 21 -23.79 27.73 22.66
C SER D 21 -22.30 27.95 22.38
N CYS D 22 -21.73 27.10 21.49
CA CYS D 22 -20.34 27.18 21.07
C CYS D 22 -20.15 27.93 19.77
N CYS D 23 -21.25 28.40 19.15
CA CYS D 23 -21.15 29.07 17.84
C CYS D 23 -21.25 30.56 18.00
N SER D 24 -20.41 31.29 17.26
CA SER D 24 -20.43 32.74 17.26
C SER D 24 -20.75 33.24 15.86
N ASP D 25 -21.32 34.46 15.76
CA ASP D 25 -21.57 35.05 14.44
C ASP D 25 -20.23 35.37 13.76
N ALA D 26 -20.27 35.37 12.44
CA ALA D 26 -19.10 35.62 11.63
C ALA D 26 -18.67 37.07 11.72
N ASP D 27 -17.38 37.32 11.98
CA ASP D 27 -16.78 38.66 11.99
C ASP D 27 -16.91 39.26 10.57
N PRO D 28 -17.33 40.53 10.39
CA PRO D 28 -17.48 41.04 9.01
C PRO D 28 -16.21 40.98 8.14
N SER D 29 -15.01 40.89 8.75
CA SER D 29 -13.79 40.77 7.91
C SER D 29 -13.72 39.42 7.19
N THR D 30 -14.56 38.43 7.60
CA THR D 30 -14.55 37.13 6.93
C THR D 30 -15.67 37.00 5.91
N LYS D 31 -16.44 38.08 5.66
CA LYS D 31 -17.66 38.03 4.82
C LYS D 31 -17.55 37.46 3.41
N ASP D 32 -16.36 37.56 2.79
CA ASP D 32 -16.12 37.07 1.45
C ASP D 32 -15.25 35.81 1.39
N PHE D 33 -14.95 35.22 2.56
CA PHE D 33 -14.17 33.98 2.64
C PHE D 33 -14.96 32.85 2.01
N LEU D 34 -14.25 31.96 1.31
CA LEU D 34 -14.93 30.80 0.73
C LEU D 34 -14.09 29.55 0.90
N LEU D 35 -14.77 28.41 0.95
CA LEU D 35 -14.10 27.11 1.12
C LEU D 35 -13.73 26.64 -0.27
N GLN D 36 -12.47 26.84 -0.60
CA GLN D 36 -12.01 26.72 -1.96
C GLN D 36 -11.51 25.36 -2.39
N GLN D 37 -10.81 24.66 -1.49
CA GLN D 37 -10.18 23.41 -1.88
C GLN D 37 -10.10 22.39 -0.76
N THR D 38 -10.03 21.13 -1.17
CA THR D 38 -9.72 19.99 -0.30
C THR D 38 -8.55 19.29 -1.02
N MET D 39 -7.42 19.14 -0.31
CA MET D 39 -6.24 18.54 -0.91
C MET D 39 -6.05 17.08 -0.49
N LEU D 40 -5.86 16.21 -1.51
CA LEU D 40 -5.56 14.79 -1.30
C LEU D 40 -4.31 14.45 -2.08
N ARG D 41 -3.41 13.64 -1.46
CA ARG D 41 -2.23 13.20 -2.24
C ARG D 41 -2.60 11.93 -3.02
N VAL D 42 -2.12 11.88 -4.30
CA VAL D 42 -2.45 10.77 -5.20
C VAL D 42 -1.17 10.08 -5.71
N LYS D 43 -1.17 8.74 -5.59
CA LYS D 43 -0.02 7.92 -6.01
C LYS D 43 0.24 8.02 -7.52
N ASP D 44 -0.83 7.98 -8.32
CA ASP D 44 -0.69 7.95 -9.77
C ASP D 44 -1.68 8.93 -10.39
N PRO D 45 -1.22 10.12 -10.80
CA PRO D 45 -2.15 11.13 -11.32
C PRO D 45 -2.89 10.69 -12.57
N LYS D 46 -2.28 9.80 -13.39
CA LYS D 46 -2.98 9.35 -14.61
C LYS D 46 -4.25 8.60 -14.24
N LYS D 47 -4.20 7.74 -13.24
CA LYS D 47 -5.36 6.95 -12.81
C LYS D 47 -6.37 7.88 -12.11
N SER D 48 -5.88 8.82 -11.27
CA SER D 48 -6.77 9.75 -10.58
C SER D 48 -7.47 10.68 -11.56
N LEU D 49 -6.75 11.21 -12.56
CA LEU D 49 -7.41 12.09 -13.55
C LEU D 49 -8.51 11.36 -14.29
N ASP D 50 -8.23 10.09 -14.69
CA ASP D 50 -9.24 9.28 -15.39
C ASP D 50 -10.45 9.06 -14.48
N PHE D 51 -10.23 8.75 -13.21
CA PHE D 51 -11.34 8.50 -12.31
C PHE D 51 -12.20 9.76 -12.11
N TYR D 52 -11.57 10.86 -11.72
CA TYR D 52 -12.36 12.05 -11.39
C TYR D 52 -13.07 12.66 -12.58
N THR D 53 -12.47 12.55 -13.79
CA THR D 53 -13.10 13.13 -14.98
C THR D 53 -14.10 12.13 -15.64
N ARG D 54 -13.65 10.93 -15.93
CA ARG D 54 -14.50 9.94 -16.62
C ARG D 54 -15.57 9.33 -15.73
N VAL D 55 -15.20 8.90 -14.53
CA VAL D 55 -16.16 8.30 -13.65
C VAL D 55 -17.05 9.39 -13.01
N LEU D 56 -16.43 10.42 -12.41
CA LEU D 56 -17.21 11.41 -11.66
C LEU D 56 -17.68 12.64 -12.40
N GLY D 57 -17.16 12.89 -13.58
CA GLY D 57 -17.59 14.04 -14.39
C GLY D 57 -17.05 15.38 -13.95
N MET D 58 -15.94 15.39 -13.18
CA MET D 58 -15.27 16.63 -12.85
C MET D 58 -14.39 17.08 -14.04
N THR D 59 -13.95 18.32 -14.01
CA THR D 59 -13.10 18.89 -15.04
C THR D 59 -11.75 19.25 -14.41
N LEU D 60 -10.65 19.02 -15.15
CA LEU D 60 -9.33 19.47 -14.72
C LEU D 60 -9.28 20.95 -15.10
N ILE D 61 -9.34 21.83 -14.10
CA ILE D 61 -9.38 23.25 -14.32
C ILE D 61 -8.04 23.93 -14.24
N GLN D 62 -7.03 23.26 -13.64
CA GLN D 62 -5.70 23.83 -13.50
C GLN D 62 -4.68 22.77 -13.16
N LYS D 63 -3.51 22.83 -13.82
CA LYS D 63 -2.39 21.97 -13.54
C LYS D 63 -1.22 22.88 -13.21
N CYS D 64 -0.54 22.62 -12.09
CA CYS D 64 0.62 23.43 -11.68
C CYS D 64 1.79 22.53 -11.41
N ASP D 65 2.96 22.84 -11.97
CA ASP D 65 4.13 21.99 -11.74
C ASP D 65 5.19 22.78 -10.98
N PHE D 66 5.86 22.12 -10.02
CA PHE D 66 6.89 22.74 -9.17
C PHE D 66 8.15 21.85 -9.23
N PRO D 67 8.95 21.98 -10.32
CA PRO D 67 10.08 21.06 -10.52
C PRO D 67 11.12 20.93 -9.41
N ILE D 68 11.46 22.06 -8.75
CA ILE D 68 12.45 22.05 -7.67
C ILE D 68 11.95 21.19 -6.52
N MET D 69 10.63 21.25 -6.27
CA MET D 69 9.99 20.52 -5.19
CA MET D 69 9.99 20.51 -5.19
C MET D 69 9.49 19.13 -5.61
N LYS D 70 9.63 18.81 -6.91
CA LYS D 70 9.26 17.50 -7.46
C LYS D 70 7.79 17.11 -7.17
N PHE D 71 6.89 18.06 -7.44
CA PHE D 71 5.46 17.77 -7.33
C PHE D 71 4.67 18.58 -8.32
N SER D 72 3.45 18.09 -8.61
CA SER D 72 2.46 18.79 -9.41
C SER D 72 1.16 18.82 -8.62
N LEU D 73 0.30 19.81 -8.95
CA LEU D 73 -1.05 19.95 -8.39
C LEU D 73 -2.04 19.91 -9.55
N TYR D 74 -3.10 19.15 -9.35
CA TYR D 74 -4.19 19.02 -10.31
C TYR D 74 -5.47 19.47 -9.62
N PHE D 75 -6.05 20.57 -10.10
CA PHE D 75 -7.29 21.09 -9.52
C PHE D 75 -8.47 20.61 -10.33
N LEU D 76 -9.36 19.85 -9.68
CA LEU D 76 -10.55 19.24 -10.26
CA LEU D 76 -10.56 19.30 -10.30
C LEU D 76 -11.78 19.97 -9.70
N ALA D 77 -12.78 20.21 -10.53
CA ALA D 77 -13.98 20.88 -10.06
C ALA D 77 -15.11 20.61 -11.02
N TYR D 78 -16.32 20.78 -10.52
CA TYR D 78 -17.52 20.70 -11.36
C TYR D 78 -17.73 22.10 -11.95
N GLU D 79 -17.02 22.35 -13.05
CA GLU D 79 -17.03 23.60 -13.80
C GLU D 79 -17.07 23.26 -15.29
N ASP D 80 -17.62 24.19 -16.09
CA ASP D 80 -17.69 24.02 -17.53
C ASP D 80 -16.30 24.28 -18.11
N LYS D 81 -15.76 23.31 -18.87
CA LYS D 81 -14.43 23.45 -19.51
C LYS D 81 -14.32 24.73 -20.37
N ASN D 82 -15.48 25.24 -20.87
CA ASN D 82 -15.49 26.44 -21.71
C ASN D 82 -15.30 27.75 -20.93
N ASP D 83 -15.34 27.67 -19.58
CA ASP D 83 -15.13 28.83 -18.69
C ASP D 83 -13.66 28.94 -18.29
N ILE D 84 -12.82 27.96 -18.67
CA ILE D 84 -11.39 28.00 -18.34
C ILE D 84 -10.72 29.12 -19.16
N PRO D 85 -10.12 30.17 -18.54
CA PRO D 85 -9.43 31.21 -19.35
C PRO D 85 -8.28 30.64 -20.18
N LYS D 86 -7.84 31.39 -21.21
CA LYS D 86 -6.76 30.96 -22.10
C LYS D 86 -5.34 31.20 -21.57
N GLU D 87 -5.09 32.40 -21.01
CA GLU D 87 -3.76 32.79 -20.56
C GLU D 87 -3.42 32.33 -19.16
N LYS D 88 -2.14 32.00 -18.93
CA LYS D 88 -1.60 31.44 -17.69
C LYS D 88 -1.98 32.08 -16.36
N ASP D 89 -1.72 33.40 -16.22
CA ASP D 89 -1.98 34.09 -14.96
C ASP D 89 -3.48 34.26 -14.71
N GLU D 90 -4.26 34.53 -15.78
CA GLU D 90 -5.73 34.64 -15.70
C GLU D 90 -6.35 33.27 -15.30
N LYS D 91 -5.80 32.17 -15.86
CA LYS D 91 -6.27 30.81 -15.57
C LYS D 91 -6.13 30.51 -14.07
N ILE D 92 -4.95 30.80 -13.50
CA ILE D 92 -4.73 30.52 -12.08
C ILE D 92 -5.69 31.29 -11.17
N ALA D 93 -5.86 32.59 -11.43
CA ALA D 93 -6.76 33.41 -10.61
C ALA D 93 -8.22 32.91 -10.70
N TRP D 94 -8.63 32.41 -11.86
CA TRP D 94 -9.98 31.90 -12.02
C TRP D 94 -10.12 30.55 -11.32
N ALA D 95 -9.18 29.62 -11.55
CA ALA D 95 -9.24 28.29 -10.97
C ALA D 95 -9.23 28.32 -9.43
N LEU D 96 -8.34 29.15 -8.86
CA LEU D 96 -8.15 29.22 -7.41
C LEU D 96 -9.20 30.05 -6.71
N SER D 97 -10.14 30.67 -7.48
CA SER D 97 -11.27 31.37 -6.89
C SER D 97 -12.56 30.58 -7.08
N ARG D 98 -12.47 29.33 -7.62
CA ARG D 98 -13.67 28.49 -7.71
C ARG D 98 -13.94 27.86 -6.36
N LYS D 99 -15.20 27.74 -5.97
CA LYS D 99 -15.58 27.08 -4.73
C LYS D 99 -15.51 25.56 -4.97
N ALA D 100 -15.29 24.79 -3.89
CA ALA D 100 -15.45 23.35 -3.95
C ALA D 100 -14.57 22.64 -4.98
N THR D 101 -13.27 22.93 -4.92
CA THR D 101 -12.35 22.24 -5.79
C THR D 101 -11.63 21.15 -5.04
N LEU D 102 -11.11 20.20 -5.80
CA LEU D 102 -10.35 19.11 -5.25
CA LEU D 102 -10.31 19.10 -5.28
C LEU D 102 -8.91 19.29 -5.79
N GLU D 103 -7.93 19.44 -4.87
CA GLU D 103 -6.53 19.62 -5.21
C GLU D 103 -5.85 18.27 -5.08
N LEU D 104 -5.41 17.68 -6.20
CA LEU D 104 -4.73 16.39 -6.11
C LEU D 104 -3.25 16.65 -6.22
N THR D 105 -2.48 16.15 -5.24
CA THR D 105 -1.03 16.35 -5.19
C THR D 105 -0.32 15.12 -5.65
N HIS D 106 0.51 15.34 -6.69
CA HIS D 106 1.35 14.25 -7.19
C HIS D 106 2.81 14.54 -6.80
N ASN D 107 3.33 13.74 -5.85
CA ASN D 107 4.76 13.79 -5.47
C ASN D 107 5.46 12.88 -6.47
N TRP D 108 6.30 13.46 -7.28
CA TRP D 108 6.92 12.69 -8.36
C TRP D 108 7.57 11.39 -7.93
N GLY D 109 7.35 10.35 -8.73
CA GLY D 109 7.93 9.03 -8.52
C GLY D 109 7.13 8.06 -7.68
N THR D 110 6.01 8.50 -7.07
CA THR D 110 5.25 7.56 -6.27
C THR D 110 4.63 6.42 -7.07
N GLU D 111 4.23 6.69 -8.33
CA GLU D 111 3.50 5.71 -9.15
C GLU D 111 4.29 4.42 -9.36
N ASP D 112 5.63 4.55 -9.42
CA ASP D 112 6.63 3.49 -9.59
C ASP D 112 7.31 3.08 -8.27
N ASP D 113 6.65 3.27 -7.12
CA ASP D 113 7.27 2.91 -5.83
C ASP D 113 6.45 1.88 -5.06
N GLU D 114 6.97 0.63 -5.02
CA GLU D 114 6.36 -0.53 -4.37
C GLU D 114 6.09 -0.35 -2.89
N THR D 115 6.91 0.45 -2.20
CA THR D 115 6.82 0.65 -0.76
C THR D 115 5.75 1.69 -0.41
N GLN D 116 5.32 2.47 -1.41
CA GLN D 116 4.49 3.65 -1.17
C GLN D 116 3.00 3.47 -1.42
N SER D 117 2.20 4.06 -0.52
CA SER D 117 0.76 4.19 -0.69
C SER D 117 0.25 5.19 0.33
N TYR D 118 -0.75 5.96 -0.08
CA TYR D 118 -1.34 6.91 0.84
C TYR D 118 -2.37 6.26 1.75
N HIS D 119 -2.66 6.91 2.87
CA HIS D 119 -3.61 6.47 3.88
C HIS D 119 -4.92 7.27 3.74
N ASN D 120 -6.04 6.56 3.72
CA ASN D 120 -7.33 7.21 3.48
C ASN D 120 -8.01 7.82 4.72
N GLY D 121 -7.41 7.64 5.89
CA GLY D 121 -7.92 8.22 7.14
C GLY D 121 -9.03 7.45 7.82
N ASN D 122 -9.47 6.29 7.26
CA ASN D 122 -10.60 5.54 7.80
C ASN D 122 -10.20 4.34 8.64
N SER D 123 -8.92 4.20 8.87
CA SER D 123 -8.40 3.20 9.79
C SER D 123 -7.26 3.83 10.52
N ASP D 124 -6.79 3.17 11.58
CA ASP D 124 -5.73 3.71 12.41
C ASP D 124 -4.48 4.16 11.61
N PRO D 125 -4.05 5.45 11.72
CA PRO D 125 -4.62 6.54 12.53
C PRO D 125 -5.70 7.31 11.73
N ARG D 126 -6.87 7.46 12.34
CA ARG D 126 -8.02 8.11 11.68
C ARG D 126 -7.89 9.62 11.70
N GLY D 127 -8.56 10.27 10.75
CA GLY D 127 -8.62 11.74 10.72
C GLY D 127 -9.66 12.16 9.69
N PHE D 128 -9.17 12.51 8.50
CA PHE D 128 -10.03 12.76 7.34
C PHE D 128 -10.88 11.51 7.09
N GLY D 129 -12.09 11.68 6.60
CA GLY D 129 -12.94 10.53 6.29
C GLY D 129 -13.29 10.36 4.82
N HIS D 130 -13.88 11.41 4.23
CA HIS D 130 -14.34 11.32 2.86
C HIS D 130 -14.62 12.67 2.26
N ILE D 131 -14.76 12.70 0.95
CA ILE D 131 -15.41 13.80 0.28
C ILE D 131 -16.79 13.23 -0.10
N GLY D 132 -17.72 14.09 -0.45
CA GLY D 132 -19.04 13.62 -0.78
C GLY D 132 -19.61 14.38 -1.96
N ILE D 133 -20.29 13.65 -2.86
CA ILE D 133 -20.87 14.22 -4.06
C ILE D 133 -22.38 14.07 -4.00
N ALA D 134 -23.08 15.20 -4.17
CA ALA D 134 -24.56 15.20 -4.20
C ALA D 134 -24.98 14.95 -5.65
N VAL D 135 -25.88 13.97 -5.82
CA VAL D 135 -26.34 13.53 -7.12
C VAL D 135 -27.87 13.49 -7.14
N PRO D 136 -28.50 13.55 -8.33
CA PRO D 136 -29.98 13.47 -8.37
C PRO D 136 -30.52 12.08 -8.06
N ASP D 137 -29.74 11.03 -8.33
CA ASP D 137 -30.22 9.65 -8.17
C ASP D 137 -29.06 8.76 -7.76
N VAL D 138 -29.05 8.37 -6.49
CA VAL D 138 -27.96 7.53 -5.96
C VAL D 138 -27.96 6.15 -6.61
N TYR D 139 -29.17 5.61 -6.86
CA TYR D 139 -29.26 4.27 -7.42
C TYR D 139 -28.78 4.18 -8.85
N SER D 140 -29.16 5.13 -9.73
CA SER D 140 -28.69 5.09 -11.12
C SER D 140 -27.22 5.44 -11.20
N ALA D 141 -26.74 6.40 -10.37
CA ALA D 141 -25.32 6.75 -10.36
C ALA D 141 -24.49 5.50 -10.00
N CYS D 142 -24.90 4.77 -8.97
CA CYS D 142 -24.17 3.57 -8.55
C CYS D 142 -24.25 2.42 -9.51
N LYS D 143 -25.38 2.32 -10.25
CA LYS D 143 -25.49 1.25 -11.24
C LYS D 143 -24.41 1.48 -12.31
N ARG D 144 -24.24 2.74 -12.73
CA ARG D 144 -23.20 3.11 -13.69
C ARG D 144 -21.80 2.83 -13.04
N PHE D 145 -21.59 3.22 -11.78
CA PHE D 145 -20.29 2.97 -11.13
C PHE D 145 -19.95 1.49 -11.14
N GLU D 146 -20.94 0.62 -10.84
CA GLU D 146 -20.81 -0.85 -10.88
C GLU D 146 -20.37 -1.31 -12.29
N GLU D 147 -21.03 -0.78 -13.33
CA GLU D 147 -20.72 -1.11 -14.74
C GLU D 147 -19.28 -0.69 -15.13
N LEU D 148 -18.78 0.40 -14.53
CA LEU D 148 -17.43 0.92 -14.80
C LEU D 148 -16.36 0.27 -13.94
N GLY D 149 -16.75 -0.70 -13.11
CA GLY D 149 -15.85 -1.45 -12.24
C GLY D 149 -15.32 -0.69 -11.04
N VAL D 150 -16.04 0.38 -10.63
CA VAL D 150 -15.67 1.16 -9.44
C VAL D 150 -15.81 0.29 -8.18
N LYS D 151 -14.86 0.43 -7.25
CA LYS D 151 -14.87 -0.30 -5.98
C LYS D 151 -15.77 0.38 -4.95
N PHE D 152 -16.61 -0.40 -4.27
CA PHE D 152 -17.55 0.12 -3.28
C PHE D 152 -17.21 -0.21 -1.85
N VAL D 153 -17.34 0.79 -0.97
CA VAL D 153 -17.24 0.61 0.47
C VAL D 153 -18.66 0.23 0.94
N LYS D 154 -19.70 0.84 0.35
CA LYS D 154 -21.07 0.58 0.74
C LYS D 154 -21.95 0.83 -0.46
N LYS D 155 -22.66 -0.21 -0.94
CA LYS D 155 -23.61 -0.07 -2.03
C LYS D 155 -24.87 0.60 -1.46
N PRO D 156 -25.68 1.31 -2.29
CA PRO D 156 -26.83 2.04 -1.72
C PRO D 156 -27.90 1.18 -1.06
N ASP D 157 -28.10 -0.06 -1.56
CA ASP D 157 -29.10 -1.01 -1.05
C ASP D 157 -28.59 -1.84 0.13
N ASP D 158 -27.33 -1.60 0.56
CA ASP D 158 -26.68 -2.33 1.67
C ASP D 158 -26.58 -1.51 2.96
N GLY D 159 -26.68 -2.19 4.10
CA GLY D 159 -26.64 -1.56 5.41
C GLY D 159 -28.00 -1.02 5.80
N LYS D 160 -28.06 -0.24 6.88
CA LYS D 160 -29.33 0.34 7.36
C LYS D 160 -29.75 1.58 6.58
N MET D 161 -28.79 2.46 6.23
CA MET D 161 -29.05 3.69 5.49
C MET D 161 -29.17 3.44 3.98
N LYS D 162 -30.36 3.01 3.57
CA LYS D 162 -30.66 2.73 2.17
C LYS D 162 -30.66 4.04 1.37
N GLY D 163 -30.02 4.02 0.21
CA GLY D 163 -30.00 5.19 -0.66
C GLY D 163 -28.81 6.12 -0.48
N LEU D 164 -27.83 5.71 0.32
CA LEU D 164 -26.58 6.41 0.58
C LEU D 164 -25.45 5.43 0.22
N ALA D 165 -24.45 5.89 -0.55
CA ALA D 165 -23.37 4.96 -0.93
C ALA D 165 -22.00 5.54 -0.63
N PHE D 166 -20.97 4.69 -0.59
CA PHE D 166 -19.57 5.10 -0.50
C PHE D 166 -18.82 4.32 -1.55
N ILE D 167 -18.08 5.01 -2.42
CA ILE D 167 -17.20 4.40 -3.41
C ILE D 167 -15.74 4.77 -3.03
N GLN D 168 -14.79 4.19 -3.75
CA GLN D 168 -13.39 4.50 -3.55
C GLN D 168 -12.74 4.96 -4.83
N ASP D 169 -11.81 5.91 -4.70
CA ASP D 169 -11.03 6.39 -5.81
C ASP D 169 -9.75 5.49 -5.99
N PRO D 170 -8.89 5.75 -6.99
CA PRO D 170 -7.71 4.88 -7.18
C PRO D 170 -6.76 4.76 -5.99
N ASP D 171 -6.74 5.77 -5.10
CA ASP D 171 -5.87 5.68 -3.91
C ASP D 171 -6.60 5.05 -2.73
N GLY D 172 -7.89 4.74 -2.87
CA GLY D 172 -8.70 4.20 -1.79
C GLY D 172 -9.41 5.24 -0.96
N TYR D 173 -9.33 6.52 -1.36
CA TYR D 173 -10.06 7.54 -0.60
C TYR D 173 -11.56 7.27 -0.76
N TRP D 174 -12.33 7.45 0.32
CA TRP D 174 -13.76 7.23 0.25
C TRP D 174 -14.48 8.46 -0.28
N ILE D 175 -15.49 8.20 -1.09
CA ILE D 175 -16.35 9.23 -1.67
C ILE D 175 -17.79 8.85 -1.40
N GLU D 176 -18.45 9.71 -0.64
CA GLU D 176 -19.87 9.51 -0.37
C GLU D 176 -20.67 9.94 -1.61
N ILE D 177 -21.76 9.21 -1.91
CA ILE D 177 -22.69 9.51 -3.01
C ILE D 177 -24.05 9.67 -2.32
N LEU D 178 -24.59 10.88 -2.33
CA LEU D 178 -25.83 11.18 -1.60
C LEU D 178 -26.83 11.93 -2.44
N ASN D 179 -28.13 11.74 -2.15
CA ASN D 179 -29.19 12.52 -2.76
C ASN D 179 -29.77 13.38 -1.61
N PRO D 180 -29.47 14.70 -1.57
CA PRO D 180 -29.96 15.56 -0.47
C PRO D 180 -31.46 15.50 -0.20
N ASN D 181 -32.24 15.23 -1.26
CA ASN D 181 -33.70 15.20 -1.14
C ASN D 181 -34.26 13.94 -0.52
N LYS D 182 -33.41 12.94 -0.30
CA LYS D 182 -33.80 11.66 0.23
C LYS D 182 -33.01 11.29 1.49
N MET D 183 -32.48 12.29 2.19
CA MET D 183 -31.68 12.05 3.39
C MET D 183 -32.50 12.19 4.68
N ALA D 184 -33.49 13.12 4.69
CA ALA D 184 -34.31 13.39 5.87
C ALA D 184 -35.08 12.15 6.36
N THR D 185 -35.48 11.27 5.43
CA THR D 185 -36.24 10.06 5.78
C THR D 185 -35.40 8.96 6.44
N LEU D 186 -34.06 9.16 6.52
CA LEU D 186 -33.14 8.20 7.15
C LEU D 186 -33.00 8.42 8.65
N MET D 187 -33.55 9.55 9.16
CA MET D 187 -33.53 9.96 10.56
C MET D 187 -34.67 9.33 11.35
#